data_1AA5
# 
_entry.id   1AA5 
# 
_audit_conform.dict_name       mmcif_pdbx.dic 
_audit_conform.dict_version    5.381 
_audit_conform.dict_location   http://mmcif.pdb.org/dictionaries/ascii/mmcif_pdbx.dic 
# 
loop_
_database_2.database_id 
_database_2.database_code 
_database_2.pdbx_database_accession 
_database_2.pdbx_DOI 
PDB   1AA5         pdb_00001aa5 10.2210/pdb1aa5/pdb 
WWPDB D_1000170583 ?            ?                   
# 
loop_
_pdbx_database_related.db_name 
_pdbx_database_related.db_id 
_pdbx_database_related.content_type 
_pdbx_database_related.details 
PDB 1C0Q unspecified 'CRYSTAL STRUCTURE OF VANCOMYCIN COMPLEXED WITH 2-ACETOXY-D-PROPANOIC ACID'                                  
PDB 1C0R unspecified 'CRYSTAL STRUCTURE OF VANCOMYCIN WITH D-LACTIC ACID'                                                         
PDB 1FVM unspecified 'CRYSTAL STRUCTURE OF VANCOMYCIN COMPLEXED WITH DI-ACETYL-LYS-D-ALA-D-ALA'                                   
PDB 1GAC unspecified 'SOLUTION STRUCTURE OF A82846B COMPLEXED WITH ITS CELL WALL PENTAPEPTIDE FRAGMENT'                           
PDB 1GHG unspecified 'CRYSTAL STRUCTURE OF VANCOMYCIN AGLYCON'                                                                    
PDB 1PN3 unspecified 'CRYSTAL STRUCTURE OF TDP-EPI-VANCOSAMINYLTRANSFERASE GTFA COMPLEXD WITH TDP AND DESVANCOSAMINYL VANCOMYCIN' 
PDB 1PNV unspecified 'CRYSTAL STRUCTURE OF TDP-EPI-VANCOSAMINYLTRANSFERASE GTFA COMPLEXED WITH TDP AND VANCOMYCIN'                
PDB 1QD8 unspecified 'CRYSTAL STRUCTURE OF VANCOMYCIN COMPLEXED WITH N-ACETYL GLYCIN'                                             
PDB 1RRV unspecified 'CRYSTAL STRUCTURE OF TDP-VANCOSAMINYLTRANSFERASE GTFD COMPLEXED WITH TDP AND DESVANCOSAMINYL VANCOMYCIN.'   
PDB 1SHO unspecified 'CRYSTAL STRUCTURE OF VANCOMYCIN'                                                                            
# 
_pdbx_database_status.status_code                     REL 
_pdbx_database_status.entry_id                        1AA5 
_pdbx_database_status.recvd_initial_deposition_date   1997-01-23 
_pdbx_database_status.deposit_site                    ? 
_pdbx_database_status.process_site                    BNL 
_pdbx_database_status.status_code_sf                  REL 
_pdbx_database_status.status_code_mr                  ? 
_pdbx_database_status.SG_entry                        ? 
_pdbx_database_status.status_code_cs                  ? 
_pdbx_database_status.pdb_format_compatible           Y 
_pdbx_database_status.status_code_nmr_data            ? 
_pdbx_database_status.methods_development_category    ? 
# 
loop_
_audit_author.name 
_audit_author.pdbx_ordinal 
'Loll, P.J.'     1 
'Bevivino, A.E.' 2 
'Korty, B.D.'    3 
'Axelsen, P.H.'  4 
# 
_citation.id                        primary 
_citation.title                     
;Simultaneous Recognition of a Carboxylate-Containing Ligand and an Intramolecular Surrogate Ligand in the Crystal Structure of an Asymmetric Vancomycin Dimer.
;
_citation.journal_abbrev            J.Am.Chem.Soc. 
_citation.journal_volume            119 
_citation.page_first                1516 
_citation.page_last                 ? 
_citation.year                      1997 
_citation.journal_id_ASTM           JACSAT 
_citation.country                   US 
_citation.journal_id_ISSN           0002-7863 
_citation.journal_id_CSD            0004 
_citation.book_publisher            ? 
_citation.pdbx_database_id_PubMed   ? 
_citation.pdbx_database_id_DOI      10.1021/JA963566P 
# 
loop_
_citation_author.citation_id 
_citation_author.name 
_citation_author.ordinal 
_citation_author.identifier_ORCID 
primary 'Loll, P.J.'     1 ? 
primary 'Bevivino, A.E.' 2 ? 
primary 'Korty, B.D.'    3 ? 
primary 'Axelsen, P.H.'  4 ? 
# 
_cell.entry_id           1AA5 
_cell.length_a           28.450 
_cell.length_b           28.450 
_cell.length_c           65.840 
_cell.angle_alpha        90.00 
_cell.angle_beta         90.00 
_cell.angle_gamma        90.00 
_cell.Z_PDB              16 
_cell.pdbx_unique_axis   ? 
# 
_symmetry.entry_id                         1AA5 
_symmetry.space_group_name_H-M             'P 43 21 2' 
_symmetry.pdbx_full_space_group_name_H-M   ? 
_symmetry.cell_setting                     ? 
_symmetry.Int_Tables_number                96 
# 
loop_
_entity.id 
_entity.type 
_entity.src_method 
_entity.pdbx_description 
_entity.formula_weight 
_entity.pdbx_number_of_molecules 
_entity.pdbx_ec 
_entity.pdbx_mutation 
_entity.pdbx_fragment 
_entity.details 
1 polymer     syn VANCOMYCIN                               1149.977 2  ? ? ? ? 
2 branched    man 'vancosamine-(1-2)-beta-D-glucopyranose' 323.340  2  ? ? ? ? 
3 non-polymer syn 'ACETIC ACID'                            60.052   1  ? ? ? ? 
4 non-polymer syn 'CHLORIDE ION'                           35.453   4  ? ? ? ? 
5 water       nat water                                    18.015   55 ? ? ? ? 
# 
_entity_poly.entity_id                      1 
_entity_poly.type                           'polypeptide(L)' 
_entity_poly.nstd_linkage                   no 
_entity_poly.nstd_monomer                   yes 
_entity_poly.pdbx_seq_one_letter_code       '(MLU)(OMZ)N(GHP)(GHP)(OMY)(3FG)' 
_entity_poly.pdbx_seq_one_letter_code_can   XXNGGYX 
_entity_poly.pdbx_strand_id                 A,B 
_entity_poly.pdbx_target_identifier         ? 
# 
loop_
_entity_poly_seq.entity_id 
_entity_poly_seq.num 
_entity_poly_seq.mon_id 
_entity_poly_seq.hetero 
1 1 MLU n 
1 2 OMZ n 
1 3 ASN n 
1 4 GHP n 
1 5 GHP n 
1 6 OMY n 
1 7 3FG n 
# 
_pdbx_entity_src_syn.entity_id              1 
_pdbx_entity_src_syn.pdbx_src_id            1 
_pdbx_entity_src_syn.pdbx_alt_source_flag   sample 
_pdbx_entity_src_syn.pdbx_beg_seq_num       ? 
_pdbx_entity_src_syn.pdbx_end_seq_num       ? 
_pdbx_entity_src_syn.organism_scientific    'AMYCOLATOPSIS ORIENTALIS' 
_pdbx_entity_src_syn.organism_common_name   ? 
_pdbx_entity_src_syn.ncbi_taxonomy_id       31958 
_pdbx_entity_src_syn.details                ? 
# 
_struct_ref.id                         1 
_struct_ref.db_name                    NOR 
_struct_ref.db_code                    NOR00681 
_struct_ref.entity_id                  1 
_struct_ref.pdbx_seq_one_letter_code   ? 
_struct_ref.pdbx_align_begin           ? 
_struct_ref.pdbx_db_accession          NOR00681 
_struct_ref.pdbx_db_isoform            ? 
# 
loop_
_struct_ref_seq.align_id 
_struct_ref_seq.ref_id 
_struct_ref_seq.pdbx_PDB_id_code 
_struct_ref_seq.pdbx_strand_id 
_struct_ref_seq.seq_align_beg 
_struct_ref_seq.pdbx_seq_align_beg_ins_code 
_struct_ref_seq.seq_align_end 
_struct_ref_seq.pdbx_seq_align_end_ins_code 
_struct_ref_seq.pdbx_db_accession 
_struct_ref_seq.db_align_beg 
_struct_ref_seq.pdbx_db_align_beg_ins_code 
_struct_ref_seq.db_align_end 
_struct_ref_seq.pdbx_db_align_end_ins_code 
_struct_ref_seq.pdbx_auth_seq_align_beg 
_struct_ref_seq.pdbx_auth_seq_align_end 
1 1 1AA5 A 1 ? 7 ? NOR00681 1 ? 7 ? 1 7 
2 1 1AA5 B 1 ? 7 ? NOR00681 1 ? 7 ? 1 7 
# 
loop_
_chem_comp.id 
_chem_comp.type 
_chem_comp.mon_nstd_flag 
_chem_comp.name 
_chem_comp.pdbx_synonyms 
_chem_comp.formula 
_chem_comp.formula_weight 
3FG 'L-peptide linking'           . '(2S)-amino(3,5-dihydroxyphenyl)ethanoic acid' ? 'C8 H9 N O4'     183.161 
ACY non-polymer                   . 'ACETIC ACID'                                  ? 'C2 H4 O2'       60.052  
ASN 'L-peptide linking'           y ASPARAGINE                                     ? 'C4 H8 N2 O3'    132.118 
BGC 'D-saccharide, beta linking'  . beta-D-glucopyranose                           'beta-D-glucose; D-glucose; glucose' 
'C6 H12 O6'      180.156 
CL  non-polymer                   . 'CHLORIDE ION'                                 ? 'Cl -1'          35.453  
GHP 'D-peptide linking'           . '(2R)-amino(4-hydroxyphenyl)ethanoic acid'     ? 'C8 H9 N O3'     167.162 
HOH non-polymer                   . WATER                                          ? 'H2 O'           18.015  
MLU 'D-peptide linking'           . N-methyl-D-leucine                             ? 'C7 H15 N O2'    145.199 
OMY 'L-peptide linking'           n '(betaR)-3-chloro-beta-hydroxy-L-tyrosine'     ? 'C9 H10 Cl N O4' 231.633 
OMZ 'D-peptide linking'           . '(betaR)-3-CHLORO-BETA-HYDROXY-D-TYROSINE'     ? 'C9 H10 Cl N O4' 231.633 
RER 'L-saccharide, alpha linking' . vancosamine                                    
'(1R,3S,4S,5S)-3-amino-2,3,6-trideoxy-3-methyl-alpha-L-arabino-hexopyranose' 'C7 H15 N O3'    161.199 
# 
_exptl.entry_id          1AA5 
_exptl.method            'X-RAY DIFFRACTION' 
_exptl.crystals_number   2 
# 
_exptl_crystal.id                    1 
_exptl_crystal.density_meas          ? 
_exptl_crystal.density_Matthews      2.90 
_exptl_crystal.density_percent_sol   57.53 
_exptl_crystal.description           ? 
# 
_exptl_crystal_grow.crystal_id      1 
_exptl_crystal_grow.method          ? 
_exptl_crystal_grow.temp            ? 
_exptl_crystal_grow.temp_details    ? 
_exptl_crystal_grow.pH              4.6 
_exptl_crystal_grow.pdbx_pH_range   ? 
_exptl_crystal_grow.pdbx_details    
;CRYSTALS WERE GROWN BY MIXING EQUAL VOLUMES OF A 25 MG/ML VANCOMYCIN SOLUTION AND 2.2 M NACL, 0.1 M SODIUM ACETATE, PH 4.6 (RESERVOIR BUFFER) AND THEN SUSPENDING THIS DROP OVER THE RESERVOIR. CRYSTALS WERE GROWN AT 293 K., VAPOR DIFFUSION - HANGING DROP
;
# 
_diffrn.id                     1 
_diffrn.ambient_temp           98 
_diffrn.ambient_temp_details   ? 
_diffrn.crystal_id             1 
# 
_diffrn_detector.diffrn_id              1 
_diffrn_detector.detector               CCD 
_diffrn_detector.type                   ADSC 
_diffrn_detector.pdbx_collection_date   1996-04 
_diffrn_detector.details                ? 
# 
_diffrn_radiation.diffrn_id                        1 
_diffrn_radiation.wavelength_id                    1 
_diffrn_radiation.pdbx_monochromatic_or_laue_m_l   M 
_diffrn_radiation.monochromator                    ? 
_diffrn_radiation.pdbx_diffrn_protocol             ? 
_diffrn_radiation.pdbx_scattering_type             x-ray 
# 
_diffrn_radiation_wavelength.id           1 
_diffrn_radiation_wavelength.wavelength   0.85 
_diffrn_radiation_wavelength.wt           1.0 
# 
_diffrn_source.diffrn_id                   1 
_diffrn_source.source                      SYNCHROTRON 
_diffrn_source.type                        'NSLS BEAMLINE X8C' 
_diffrn_source.pdbx_synchrotron_site       NSLS 
_diffrn_source.pdbx_synchrotron_beamline   X8C 
_diffrn_source.pdbx_wavelength             0.85 
_diffrn_source.pdbx_wavelength_list        ? 
# 
_reflns.pdbx_diffrn_id               1 
_reflns.pdbx_ordinal                 1 
_reflns.entry_id                     1AA5 
_reflns.observed_criterion_sigma_I   2.000 
_reflns.observed_criterion_sigma_F   ? 
_reflns.d_resolution_low             10.000 
_reflns.d_resolution_high            0.890 
_reflns.number_obs                   17899 
_reflns.number_all                   ? 
_reflns.percent_possible_obs         85.8 
_reflns.pdbx_Rmerge_I_obs            ? 
_reflns.pdbx_Rsym_value              0.07600 
_reflns.pdbx_netI_over_sigmaI        100.0000 
_reflns.B_iso_Wilson_estimate        ? 
_reflns.pdbx_redundancy              12.800 
# 
_reflns_shell.pdbx_diffrn_id         1 
_reflns_shell.pdbx_ordinal           1 
_reflns_shell.d_res_high             0.89 
_reflns_shell.d_res_low              0.95 
_reflns_shell.percent_possible_all   69.3 
_reflns_shell.Rmerge_I_obs           ? 
_reflns_shell.pdbx_Rsym_value        0.14300 
_reflns_shell.meanI_over_sigI_obs    31.500 
_reflns_shell.pdbx_redundancy        5.60 
# 
_refine.pdbx_refine_id                           'X-RAY DIFFRACTION' 
_refine.entry_id                                 1AA5 
_refine.pdbx_diffrn_id                           1 
_refine.pdbx_TLS_residual_ADP_flag               ? 
_refine.ls_number_reflns_obs                     ? 
_refine.ls_number_reflns_all                     17899 
_refine.pdbx_ls_sigma_I                          ? 
_refine.pdbx_ls_sigma_F                          0.000 
_refine.pdbx_data_cutoff_high_absF               ? 
_refine.pdbx_data_cutoff_low_absF                ? 
_refine.pdbx_data_cutoff_high_rms_absF           ? 
_refine.ls_d_res_low                             4.00 
_refine.ls_d_res_high                            0.89 
_refine.ls_percent_reflns_obs                    80.0 
_refine.ls_R_factor_obs                          0.124 
_refine.ls_R_factor_all                          0.124 
_refine.ls_R_factor_R_work                       ? 
_refine.ls_R_factor_R_free                       ? 
_refine.ls_R_factor_R_free_error                 ? 
_refine.ls_R_factor_R_free_error_details         ? 
_refine.ls_percent_reflns_R_free                 ? 
_refine.ls_number_reflns_R_free                  ? 
_refine.ls_number_parameters                     2553 
_refine.ls_number_restraints                     3647 
_refine.occupancy_min                            ? 
_refine.occupancy_max                            ? 
_refine.correlation_coeff_Fo_to_Fc               ? 
_refine.correlation_coeff_Fo_to_Fc_free          ? 
_refine.B_iso_mean                               ? 
_refine.aniso_B[1][1]                            ? 
_refine.aniso_B[2][2]                            ? 
_refine.aniso_B[3][3]                            ? 
_refine.aniso_B[1][2]                            ? 
_refine.aniso_B[1][3]                            ? 
_refine.aniso_B[2][3]                            ? 
_refine.solvent_model_details                    ? 
_refine.solvent_model_param_ksol                 ? 
_refine.solvent_model_param_bsol                 ? 
_refine.pdbx_solvent_vdw_probe_radii             ? 
_refine.pdbx_solvent_ion_probe_radii             ? 
_refine.pdbx_solvent_shrinkage_radii             ? 
_refine.pdbx_ls_cross_valid_method               ? 
_refine.details                                  
;REFINEMENT WAS CARRIED OUT VS. F**2; SIMILAR 1,2 AND 1,3 DISTANCE RESTRAINTS WERE APPLIED TO THE TWO VANCOMYCIN MOLECULES. ALSO, RESTRAINTS WERE IMPOSED TO LIMIT DEVIATIONS OF RINGS AND PEPTIDE BONDS FROM PLANARITY AND DIFFERENCES IN ALONG-BOND COMPONENTS OF ADPS. ADPS FOR SOLVENT WERE RESTRAINED TO BE APPROXIMATELY ISOTROPIC, AND ANTIBUMPING RESTRAINTS WERE USED TO PREVENT SOLVENT WATER MOLECULES FROM VIOLATING MINIMUM CONTACT DISTANCES. CONJUGATE GRADIENT LEAST SQUARES WAS USED FOR MOST OF THE REFINEMENT, WITH BLOCKED LEAST SQUARES AT THE END.
;
_refine.pdbx_starting_model                      ? 
_refine.pdbx_method_to_determine_struct          'DIRECT METHODS' 
_refine.pdbx_isotropic_thermal_model             ? 
_refine.pdbx_stereochemistry_target_values       ? 
_refine.pdbx_stereochem_target_val_spec_case     ? 
_refine.pdbx_R_Free_selection_details            ? 
_refine.pdbx_overall_ESU_R                       ? 
_refine.pdbx_overall_ESU_R_Free                  ? 
_refine.overall_SU_ML                            ? 
_refine.pdbx_overall_phase_error                 ? 
_refine.overall_SU_B                             ? 
_refine.overall_SU_R_Cruickshank_DPI             ? 
_refine.pdbx_overall_SU_R_free_Cruickshank_DPI   ? 
_refine.pdbx_overall_SU_R_Blow_DPI               ? 
_refine.pdbx_overall_SU_R_free_Blow_DPI          ? 
# 
_refine_analyze.pdbx_refine_id                  'X-RAY DIFFRACTION' 
_refine_analyze.entry_id                        1AA5 
_refine_analyze.Luzzati_coordinate_error_obs    ? 
_refine_analyze.Luzzati_sigma_a_obs             ? 
_refine_analyze.Luzzati_d_res_low_obs           ? 
_refine_analyze.Luzzati_coordinate_error_free   ? 
_refine_analyze.Luzzati_sigma_a_free            ? 
_refine_analyze.Luzzati_d_res_low_free          ? 
_refine_analyze.number_disordered_residues      3 
_refine_analyze.occupancy_sum_hydrogen          158.00 
_refine_analyze.occupancy_sum_non_hydrogen      255.40 
# 
_refine_hist.pdbx_refine_id                   'X-RAY DIFFRACTION' 
_refine_hist.cycle_id                         LAST 
_refine_hist.pdbx_number_atoms_protein        160 
_refine_hist.pdbx_number_atoms_nucleic_acid   0 
_refine_hist.pdbx_number_atoms_ligand         50 
_refine_hist.number_atoms_solvent             55 
_refine_hist.number_atoms_total               265 
_refine_hist.d_res_high                       0.89 
_refine_hist.d_res_low                        4.00 
# 
loop_
_refine_ls_restr.type 
_refine_ls_restr.dev_ideal 
_refine_ls_restr.dev_ideal_target 
_refine_ls_restr.weight 
_refine_ls_restr.number 
_refine_ls_restr.pdbx_refine_id 
_refine_ls_restr.pdbx_restraint_function 
s_bond_d               ?     ? ? ? 'X-RAY DIFFRACTION' ? 
s_angle_d              ?     ? ? ? 'X-RAY DIFFRACTION' ? 
s_similar_dist         0.019 ? ? ? 'X-RAY DIFFRACTION' ? 
s_from_restr_planes    ?     ? ? ? 'X-RAY DIFFRACTION' ? 
s_zero_chiral_vol      ?     ? ? ? 'X-RAY DIFFRACTION' ? 
s_non_zero_chiral_vol  ?     ? ? ? 'X-RAY DIFFRACTION' ? 
s_anti_bump_dis_restr  ?     ? ? ? 'X-RAY DIFFRACTION' ? 
s_rigid_bond_adp_cmpnt 0.008 ? ? ? 'X-RAY DIFFRACTION' ? 
s_similar_adp_cmpnt    0.011 ? ? ? 'X-RAY DIFFRACTION' ? 
s_approx_iso_adps      0.025 ? ? ? 'X-RAY DIFFRACTION' ? 
# 
_pdbx_refine.pdbx_refine_id                              'X-RAY DIFFRACTION' 
_pdbx_refine.entry_id                                    1AA5 
_pdbx_refine.R_factor_all_no_cutoff                      0.124 
_pdbx_refine.R_factor_obs_no_cutoff                      0.124 
_pdbx_refine.free_R_factor_no_cutoff                     ? 
_pdbx_refine.free_R_error_no_cutoff                      ? 
_pdbx_refine.free_R_val_test_set_size_perc_no_cutoff     ? 
_pdbx_refine.free_R_val_test_set_ct_no_cutoff            ? 
_pdbx_refine.R_factor_all_4sig_cutoff                    0.112 
_pdbx_refine.R_factor_obs_4sig_cutoff                    0.112 
_pdbx_refine.free_R_factor_4sig_cutoff                   ? 
_pdbx_refine.free_R_val_test_set_size_perc_4sig_cutoff   ? 
_pdbx_refine.free_R_val_test_set_ct_4sig_cutoff          ? 
_pdbx_refine.number_reflns_obs_4sig_cutoff               17479 
# 
_struct.entry_id                  1AA5 
_struct.title                     VANCOMYCIN 
_struct.pdbx_model_details        ? 
_struct.pdbx_CASP_flag            ? 
_struct.pdbx_model_type_details   ? 
# 
_struct_keywords.entry_id        1AA5 
_struct_keywords.pdbx_keywords   ANTIBIOTIC 
_struct_keywords.text            'GLYCOPEPTIDE, ANTIBIOTIC' 
# 
loop_
_struct_asym.id 
_struct_asym.pdbx_blank_PDB_chainid_flag 
_struct_asym.pdbx_modified 
_struct_asym.entity_id 
_struct_asym.details 
A N N 1 ? 
B N N 1 ? 
C N N 2 ? 
D N N 2 ? 
E N N 3 ? 
F N N 4 ? 
G N N 4 ? 
H N N 4 ? 
I N N 4 ? 
J N N 5 ? 
K N N 5 ? 
# 
_struct_biol.id   1 
# 
loop_
_struct_conn.id 
_struct_conn.conn_type_id 
_struct_conn.pdbx_leaving_atom_flag 
_struct_conn.pdbx_PDB_id 
_struct_conn.ptnr1_label_asym_id 
_struct_conn.ptnr1_label_comp_id 
_struct_conn.ptnr1_label_seq_id 
_struct_conn.ptnr1_label_atom_id 
_struct_conn.pdbx_ptnr1_label_alt_id 
_struct_conn.pdbx_ptnr1_PDB_ins_code 
_struct_conn.pdbx_ptnr1_standard_comp_id 
_struct_conn.ptnr1_symmetry 
_struct_conn.ptnr2_label_asym_id 
_struct_conn.ptnr2_label_comp_id 
_struct_conn.ptnr2_label_seq_id 
_struct_conn.ptnr2_label_atom_id 
_struct_conn.pdbx_ptnr2_label_alt_id 
_struct_conn.pdbx_ptnr2_PDB_ins_code 
_struct_conn.ptnr1_auth_asym_id 
_struct_conn.ptnr1_auth_comp_id 
_struct_conn.ptnr1_auth_seq_id 
_struct_conn.ptnr2_auth_asym_id 
_struct_conn.ptnr2_auth_comp_id 
_struct_conn.ptnr2_auth_seq_id 
_struct_conn.ptnr2_symmetry 
_struct_conn.pdbx_ptnr3_label_atom_id 
_struct_conn.pdbx_ptnr3_label_seq_id 
_struct_conn.pdbx_ptnr3_label_comp_id 
_struct_conn.pdbx_ptnr3_label_asym_id 
_struct_conn.pdbx_ptnr3_label_alt_id 
_struct_conn.pdbx_ptnr3_PDB_ins_code 
_struct_conn.details 
_struct_conn.pdbx_dist_value 
_struct_conn.pdbx_value_order 
_struct_conn.pdbx_role 
covale1  covale both ? A MLU 1 C  ? ? ? 1_555 A OMZ 2 N   ? ? A MLU 1 A OMZ 2 1_555 ? ? ? ? ? ? ? 1.352 ? ? 
covale2  covale both ? A OMZ 2 C  ? ? ? 1_555 A ASN 3 N   ? ? A OMZ 2 A ASN 3 1_555 ? ? ? ? ? ? ? 1.329 ? ? 
covale3  covale none ? A OMZ 2 OH ? ? ? 1_555 A GHP 4 C5  ? ? A OMZ 2 A GHP 4 1_555 ? ? ? ? ? ? ? 1.389 ? ? 
covale4  covale both ? A ASN 3 C  ? ? ? 1_555 A GHP 4 N   ? ? A ASN 3 A GHP 4 1_555 ? ? ? ? ? ? ? 1.319 ? ? 
covale5  covale both ? A GHP 4 C  ? ? ? 1_555 A GHP 5 N   ? ? A GHP 4 A GHP 5 1_555 ? ? ? ? ? ? ? 1.355 ? ? 
covale6  covale none ? A GHP 4 C3 ? ? ? 1_555 A OMY 6 OCZ ? ? A GHP 4 A OMY 6 1_555 ? ? ? ? ? ? ? 1.394 ? ? 
covale7  covale one  ? A GHP 4 O4 ? ? ? 1_555 C BGC . C1  ? ? A GHP 4 C BGC 1 1_555 ? ? ? ? ? ? ? 1.414 ? ? 
covale8  covale both ? A GHP 5 C  ? ? ? 1_555 A OMY 6 N   ? ? A GHP 5 A OMY 6 1_555 ? ? ? ? ? ? ? 1.333 ? ? 
covale9  covale one  ? A GHP 5 C3 ? ? ? 1_555 A 3FG 7 CG1 ? ? A GHP 5 A 3FG 7 1_555 ? ? ? ? ? ? ? 1.499 ? ? 
covale10 covale both ? A OMY 6 C  ? ? ? 1_555 A 3FG 7 N   ? ? A OMY 6 A 3FG 7 1_555 ? ? ? ? ? ? ? 1.337 ? ? 
covale11 covale both ? B MLU 1 C  ? ? ? 1_555 B OMZ 2 N   ? ? B MLU 1 B OMZ 2 1_555 ? ? ? ? ? ? ? 1.327 ? ? 
covale12 covale both ? B OMZ 2 C  ? ? ? 1_555 B ASN 3 N   ? ? B OMZ 2 B ASN 3 1_555 ? ? ? ? ? ? ? 1.316 ? ? 
covale13 covale none ? B OMZ 2 OH ? ? ? 1_555 B GHP 4 C5  ? ? B OMZ 2 B GHP 4 1_555 ? ? ? ? ? ? ? 1.395 ? ? 
covale14 covale both ? B ASN 3 C  ? ? ? 1_555 B GHP 4 N   ? ? B ASN 3 B GHP 4 1_555 ? ? ? ? ? ? ? 1.341 ? ? 
covale15 covale both ? B GHP 4 C  ? ? ? 1_555 B GHP 5 N   ? ? B GHP 4 B GHP 5 1_555 ? ? ? ? ? ? ? 1.341 ? ? 
covale16 covale none ? B GHP 4 C3 ? ? ? 1_555 B OMY 6 OCZ ? ? B GHP 4 B OMY 6 1_555 ? ? ? ? ? ? ? 1.383 ? ? 
covale17 covale one  ? B GHP 4 O4 B ? ? 1_555 D BGC . C1  B ? B GHP 4 D BGC 1 1_555 ? ? ? ? ? ? ? 1.446 ? ? 
covale18 covale one  ? B GHP 4 O4 A ? ? 1_555 D BGC . C1  A ? B GHP 4 D BGC 1 1_555 ? ? ? ? ? ? ? 1.414 ? ? 
covale19 covale both ? B GHP 5 C  ? ? ? 1_555 B OMY 6 N   ? ? B GHP 5 B OMY 6 1_555 ? ? ? ? ? ? ? 1.338 ? ? 
covale20 covale one  ? B GHP 5 C3 ? ? ? 1_555 B 3FG 7 CG1 ? ? B GHP 5 B 3FG 7 1_555 ? ? ? ? ? ? ? 1.505 ? ? 
covale21 covale both ? B OMY 6 C  ? ? ? 1_555 B 3FG 7 N   ? ? B OMY 6 B 3FG 7 1_555 ? ? ? ? ? ? ? 1.321 ? ? 
covale22 covale both ? C BGC . O2 ? ? ? 1_555 C RER . C1  ? ? C BGC 1 C RER 2 1_555 ? ? ? ? ? ? ? 1.406 ? ? 
covale23 covale both ? D BGC . O2 B ? ? 1_555 D RER . C1  ? ? D BGC 1 D RER 2 1_555 ? ? ? ? ? ? ? 1.099 ? ? 
covale24 covale both ? D BGC . O2 A ? ? 1_555 D RER . C1  ? ? D BGC 1 D RER 2 1_555 ? ? ? ? ? ? ? 1.466 ? ? 
# 
_struct_conn_type.id          covale 
_struct_conn_type.criteria    ? 
_struct_conn_type.reference   ? 
# 
loop_
_struct_mon_prot_cis.pdbx_id 
_struct_mon_prot_cis.label_comp_id 
_struct_mon_prot_cis.label_seq_id 
_struct_mon_prot_cis.label_asym_id 
_struct_mon_prot_cis.label_alt_id 
_struct_mon_prot_cis.pdbx_PDB_ins_code 
_struct_mon_prot_cis.auth_comp_id 
_struct_mon_prot_cis.auth_seq_id 
_struct_mon_prot_cis.auth_asym_id 
_struct_mon_prot_cis.pdbx_label_comp_id_2 
_struct_mon_prot_cis.pdbx_label_seq_id_2 
_struct_mon_prot_cis.pdbx_label_asym_id_2 
_struct_mon_prot_cis.pdbx_PDB_ins_code_2 
_struct_mon_prot_cis.pdbx_auth_comp_id_2 
_struct_mon_prot_cis.pdbx_auth_seq_id_2 
_struct_mon_prot_cis.pdbx_auth_asym_id_2 
_struct_mon_prot_cis.pdbx_PDB_model_num 
_struct_mon_prot_cis.pdbx_omega_angle 
1 GHP 5 A . ? GHP 5 A OMY 6 A ? OMY 6 A 1 6.04  
2 GHP 5 B . ? GHP 5 B OMY 6 B ? OMY 6 B 1 18.86 
# 
_atom_sites.entry_id                    1AA5 
_atom_sites.fract_transf_matrix[1][1]   -0.02236715 
_atom_sites.fract_transf_matrix[1][2]   0.01583628 
_atom_sites.fract_transf_matrix[1][3]   0.02200852 
_atom_sites.fract_transf_matrix[2][1]   -0.02375542 
_atom_sites.fract_transf_matrix[2][2]   0.00230797 
_atom_sites.fract_transf_matrix[2][3]   -0.02580321 
_atom_sites.fract_transf_matrix[3][1]   -0.00564789 
_atom_sites.fract_transf_matrix[3][2]   -0.01352240 
_atom_sites.fract_transf_matrix[3][3]   0.00399015 
_atom_sites.fract_transf_vector[1]      -0.048014 
_atom_sites.fract_transf_vector[2]      0.239146 
_atom_sites.fract_transf_vector[3]      0.013510 
# 
loop_
_atom_type.symbol 
C  
CL 
H  
N  
O  
# 
loop_
_atom_site.group_PDB 
_atom_site.id 
_atom_site.type_symbol 
_atom_site.label_atom_id 
_atom_site.label_alt_id 
_atom_site.label_comp_id 
_atom_site.label_asym_id 
_atom_site.label_entity_id 
_atom_site.label_seq_id 
_atom_site.pdbx_PDB_ins_code 
_atom_site.Cartn_x 
_atom_site.Cartn_y 
_atom_site.Cartn_z 
_atom_site.occupancy 
_atom_site.B_iso_or_equiv 
_atom_site.pdbx_formal_charge 
_atom_site.auth_seq_id 
_atom_site.auth_comp_id 
_atom_site.auth_asym_id 
_atom_site.auth_atom_id 
_atom_site.pdbx_PDB_model_num 
HETATM 1   N  N    . MLU A 1 1 ? -6.851  9.691   4.419   1.00 4.98  ? 1    MLU A N    1 
HETATM 2   C  CN   . MLU A 1 1 ? -7.716  10.463  3.494   1.00 7.32  ? 1    MLU A CN   1 
HETATM 3   C  CA   . MLU A 1 1 ? -6.326  8.418   3.842   1.00 4.18  ? 1    MLU A CA   1 
HETATM 4   C  C    . MLU A 1 1 ? -5.541  8.773   2.559   1.00 3.80  ? 1    MLU A C    1 
HETATM 5   O  O    . MLU A 1 1 ? -4.661  9.607   2.584   1.00 5.85  ? 1    MLU A O    1 
HETATM 6   C  CB   . MLU A 1 1 ? -5.387  7.728   4.804   1.00 4.30  ? 1    MLU A CB   1 
HETATM 7   C  CG   . MLU A 1 1 ? -5.967  7.311   6.168   1.00 4.89  ? 1    MLU A CG   1 
HETATM 8   C  CD1  A MLU A 1 1 ? -4.875  6.665   7.004   0.74 5.46  ? 1    MLU A CD1  1 
HETATM 9   C  CD1  B MLU A 1 1 ? -5.875  8.410   7.196   0.26 5.31  ? 1    MLU A CD1  1 
HETATM 10  C  CD2  A MLU A 1 1 ? -7.132  6.411   6.027   0.74 7.84  ? 1    MLU A CD2  1 
HETATM 11  C  CD2  B MLU A 1 1 ? -5.239  6.094   6.632   0.26 5.59  ? 1    MLU A CD2  1 
HETATM 12  H  H    . MLU A 1 1 ? -7.378  9.476   5.252   1.00 7.47  ? 1    MLU A H    1 
HETATM 13  H  HCN1 . MLU A 1 1 ? -8.017  11.264  3.929   1.00 10.98 ? 1    MLU A HCN1 1 
HETATM 14  H  HCN2 . MLU A 1 1 ? -8.475  9.931   3.245   1.00 10.98 ? 1    MLU A HCN2 1 
HETATM 15  H  HCN3 . MLU A 1 1 ? -7.217  10.695  2.707   1.00 10.98 ? 1    MLU A HCN3 1 
HETATM 16  H  HA   . MLU A 1 1 ? -7.072  7.822   3.620   1.00 6.27  ? 1    MLU A HA   1 
HETATM 17  H  HB2  . MLU A 1 1 ? -4.634  8.319   4.965   1.00 6.45  ? 1    MLU A HB2  1 
HETATM 18  H  HB3  . MLU A 1 1 ? -5.042  6.933   4.368   1.00 6.45  ? 1    MLU A HB3  1 
HETATM 19  H  HG   . MLU A 1 1 ? -6.264  8.121   6.632   1.00 7.34  ? 1    MLU A HG   1 
HETATM 20  H  HD11 A MLU A 1 1 ? -4.132  7.269   7.081   0.74 8.19  ? 1    MLU A HD11 1 
HETATM 21  H  HD11 B MLU A 1 1 ? -5.309  5.406   5.966   0.26 8.38  ? 1    MLU A HD11 1 
HETATM 22  H  HD12 A MLU A 1 1 ? -4.587  5.854   6.581   0.74 8.19  ? 1    MLU A HD12 1 
HETATM 23  H  HD12 B MLU A 1 1 ? -5.623  5.785   7.456   0.26 8.38  ? 1    MLU A HD12 1 
HETATM 24  H  HD13 A MLU A 1 1 ? -5.218  6.467   7.879   0.74 8.19  ? 1    MLU A HD13 1 
HETATM 25  H  HD21 A MLU A 1 1 ? -7.807  6.842   5.497   0.74 11.77 ? 1    MLU A HD21 1 
HETATM 26  H  HD21 B MLU A 1 1 ? -6.266  8.111   8.020   0.26 7.97  ? 1    MLU A HD21 1 
HETATM 27  H  HD22 A MLU A 1 1 ? -7.488  6.210   6.896   0.74 11.77 ? 1    MLU A HD22 1 
HETATM 28  H  HD22 B MLU A 1 1 ? -6.348  9.183   6.879   0.26 7.97  ? 1    MLU A HD22 1 
HETATM 29  H  HD23 A MLU A 1 1 ? -6.859  5.597   5.597   0.74 11.77 ? 1    MLU A HD23 1 
HETATM 30  H  HD23 B MLU A 1 1 ? -4.954  8.635   7.342   0.26 7.97  ? 1    MLU A HD23 1 
HETATM 31  H  HN22 . MLU A 1 1 ? -6.070  10.270  4.692   1.00 7.47  ? 1    MLU A HN22 1 
HETATM 32  N  N    . OMZ A 1 2 ? -5.845  8.070   1.445   1.00 3.44  ? 2    OMZ A N    1 
HETATM 33  C  CA   . OMZ A 1 2 ? -5.189  8.374   0.184   1.00 3.72  ? 2    OMZ A CA   1 
HETATM 34  C  C    . OMZ A 1 2 ? -3.873  7.608   -0.057  1.00 3.04  ? 2    OMZ A C    1 
HETATM 35  O  O    . OMZ A 1 2 ? -3.233  7.829   -1.073  1.00 3.76  ? 2    OMZ A O    1 
HETATM 36  C  CB   . OMZ A 1 2 ? -6.123  8.159   -1.058  1.00 3.81  ? 2    OMZ A CB   1 
HETATM 37  O  OC   . OMZ A 1 2 ? -7.338  8.858   -0.900  1.00 4.29  ? 2    OMZ A OC   1 
HETATM 38  C  CG   . OMZ A 1 2 ? -6.368  6.707   -1.341  1.00 3.68  ? 2    OMZ A CG   1 
HETATM 39  C  CD1  . OMZ A 1 2 ? -5.654  6.075   -2.364  1.00 4.01  ? 2    OMZ A CD1  1 
HETATM 40  C  CD2  . OMZ A 1 2 ? -7.289  5.953   -0.603  1.00 3.89  ? 2    OMZ A CD2  1 
HETATM 41  C  CE1  . OMZ A 1 2 ? -5.798  4.716   -2.576  1.00 4.46  ? 2    OMZ A CE1  1 
HETATM 42  CL CL   . OMZ A 1 2 ? -4.925  3.973   -3.870  1.00 7.25  ? 2    OMZ A CL   1 
HETATM 43  C  CE2  . OMZ A 1 2 ? -7.392  4.599   -0.808  1.00 4.34  ? 2    OMZ A CE2  1 
HETATM 44  C  CZ   . OMZ A 1 2 ? -6.620  3.975   -1.779  1.00 4.40  ? 2    OMZ A CZ   1 
HETATM 45  O  OH   . OMZ A 1 2 ? -6.685  2.603   -1.908  1.00 4.99  ? 2    OMZ A OH   1 
HETATM 46  H  H    . OMZ A 1 2 ? -6.429  7.438   1.483   1.00 5.16  ? 2    OMZ A H    1 
HETATM 47  H  HA   . OMZ A 1 2 ? -4.962  9.327   0.207   1.00 5.58  ? 2    OMZ A HA   1 
HETATM 48  H  HB   . OMZ A 1 2 ? -5.665  8.538   -1.838  1.00 5.71  ? 2    OMZ A HB   1 
HETATM 49  H  HC   . OMZ A 1 2 ? -7.181  9.649   -0.747  1.00 6.44  ? 2    OMZ A HC   1 
HETATM 50  H  HD1  . OMZ A 1 2 ? -5.081  6.570   -2.904  1.00 6.01  ? 2    OMZ A HD1  1 
HETATM 51  H  HD2  . OMZ A 1 2 ? -7.832  6.371   0.027   1.00 5.83  ? 2    OMZ A HD2  1 
HETATM 52  H  HE2  . OMZ A 1 2 ? -7.982  4.098   -0.295  1.00 6.50  ? 2    OMZ A HE2  1 
ATOM   53  N  N    . ASN A 1 3 ? -3.496  6.745   0.881   1.00 3.20  ? 3    ASN A N    1 
ATOM   54  C  CA   . ASN A 1 3 ? -2.149  6.164   0.888   1.00 3.32  ? 3    ASN A CA   1 
ATOM   55  C  C    . ASN A 1 3 ? -2.093  4.740   0.321   1.00 2.84  ? 3    ASN A C    1 
ATOM   56  O  O    . ASN A 1 3 ? -1.513  4.555   -0.772  1.00 3.32  ? 3    ASN A O    1 
ATOM   57  C  CB   . ASN A 1 3 ? -1.479  6.354   2.241   1.00 3.47  ? 3    ASN A CB   1 
ATOM   58  C  CG   . ASN A 1 3 ? -2.315  5.940   3.449   1.00 3.25  ? 3    ASN A CG   1 
ATOM   59  O  OD1  . ASN A 1 3 ? -3.357  5.272   3.324   1.00 3.62  ? 3    ASN A OD1  1 
ATOM   60  N  ND2  . ASN A 1 3 ? -1.842  6.344   4.617   1.00 3.99  ? 3    ASN A ND2  1 
ATOM   61  H  H    . ASN A 1 3 ? -4.054  6.521   1.496   1.00 4.81  ? 3    ASN A H    1 
ATOM   62  H  HA   . ASN A 1 3 ? -1.629  6.711   0.263   1.00 4.98  ? 3    ASN A HA   1 
ATOM   63  H  HB2  . ASN A 1 3 ? -0.654  5.844   2.250   1.00 5.21  ? 3    ASN A HB2  1 
ATOM   64  H  HB3  . ASN A 1 3 ? -1.242  7.290   2.338   1.00 5.21  ? 3    ASN A HB3  1 
ATOM   65  H  HD21 . ASN A 1 3 ? -1.116  6.803   4.650   1.00 5.99  ? 3    ASN A HD21 1 
ATOM   66  H  HD22 . ASN A 1 3 ? -2.260  6.146   5.342   1.00 5.99  ? 3    ASN A HD22 1 
HETATM 67  N  N    . GHP A 1 4 ? -2.661  3.778   1.022   1.00 2.95  ? 4    GHP A N    1 
HETATM 68  C  CA   . GHP A 1 4 ? -2.455  2.359   0.696   1.00 3.06  ? 4    GHP A CA   1 
HETATM 69  C  C    . GHP A 1 4 ? -2.047  1.618   1.950   1.00 2.95  ? 4    GHP A C    1 
HETATM 70  O  O    . GHP A 1 4 ? -2.591  1.804   3.022   1.00 3.19  ? 4    GHP A O    1 
HETATM 71  C  C1   . GHP A 1 4 ? -3.648  1.695   0.002   1.00 3.09  ? 4    GHP A C1   1 
HETATM 72  C  C2   . GHP A 1 4 ? -3.757  0.335   -0.059  1.00 3.55  ? 4    GHP A C2   1 
HETATM 73  C  C3   . GHP A 1 4 ? -4.833  -0.266  -0.710  1.00 3.86  ? 4    GHP A C3   1 
HETATM 74  C  C4   . GHP A 1 4 ? -5.780  0.507   -1.353  1.00 3.66  ? 4    GHP A C4   1 
HETATM 75  O  O4   . GHP A 1 4 ? -6.919  -0.058  -1.943  1.00 4.62  ? 4    GHP A O4   1 
HETATM 76  C  C5   . GHP A 1 4 ? -5.665  1.885   -1.298  1.00 3.85  ? 4    GHP A C5   1 
HETATM 77  C  C6   . GHP A 1 4 ? -4.619  2.465   -0.630  1.00 3.65  ? 4    GHP A C6   1 
HETATM 78  H  H    . GHP A 1 4 ? -3.165  3.986   1.687   1.00 4.43  ? 4    GHP A H    1 
HETATM 79  H  HA   . GHP A 1 4 ? -1.699  2.313   0.075   1.00 4.59  ? 4    GHP A HA   1 
HETATM 80  H  HC2  . GHP A 1 4 ? -3.106  -0.197  0.339   1.00 5.33  ? 4    GHP A HC2  1 
HETATM 81  H  H6   . GHP A 1 4 ? -4.559  3.392   -0.596  1.00 5.48  ? 4    GHP A H6   1 
HETATM 82  N  N    . GHP A 1 5 ? -1.088  0.681   1.758   1.00 2.98  ? 5    GHP A N    1 
HETATM 83  C  CA   . GHP A 1 5 ? -0.857  -0.360  2.716   1.00 3.22  ? 5    GHP A CA   1 
HETATM 84  C  C    . GHP A 1 5 ? -0.276  -1.567  1.933   1.00 3.21  ? 5    GHP A C    1 
HETATM 85  O  O    . GHP A 1 5 ? 0.321   -1.352  0.880   1.00 3.91  ? 5    GHP A O    1 
HETATM 86  C  C1   . GHP A 1 5 ? 0.116   -0.126  3.876   1.00 3.30  ? 5    GHP A C1   1 
HETATM 87  C  C2   . GHP A 1 5 ? -0.324  -0.314  5.174   1.00 3.06  ? 5    GHP A C2   1 
HETATM 88  C  C3   . GHP A 1 5 ? 0.557   -0.400  6.257   1.00 3.62  ? 5    GHP A C3   1 
HETATM 89  C  C4   . GHP A 1 5 ? 1.923   -0.269  5.995   1.00 4.21  ? 5    GHP A C4   1 
HETATM 90  O  O4   . GHP A 1 5 ? 2.793   -0.403  7.050   1.00 5.46  ? 5    GHP A O4   1 
HETATM 91  C  C5   . GHP A 1 5 ? 2.356   -0.013  4.713   1.00 4.79  ? 5    GHP A C5   1 
HETATM 92  C  C6   . GHP A 1 5 ? 1.474   0.072   3.657   1.00 3.73  ? 5    GHP A C6   1 
HETATM 93  H  H    . GHP A 1 5 ? -0.606  0.710   1.047   1.00 4.47  ? 5    GHP A H    1 
HETATM 94  H  HA   . GHP A 1 5 ? -1.722  -0.626  3.093   1.00 4.82  ? 5    GHP A HA   1 
HETATM 95  H  HC2  . GHP A 1 5 ? -1.238  -0.386  5.331   1.00 4.60  ? 5    GHP A HC2  1 
HETATM 96  H  HO4  . GHP A 1 5 ? 3.563   -0.306  6.783   1.00 8.19  ? 5    GHP A HO4  1 
HETATM 97  H  H5   . GHP A 1 5 ? 3.264   0.105   4.556   1.00 7.18  ? 5    GHP A H5   1 
HETATM 98  H  H6   . GHP A 1 5 ? 1.785   0.260   2.801   1.00 5.59  ? 5    GHP A H6   1 
HETATM 99  N  N    . OMY A 1 6 ? -0.374  -2.786  2.463   1.00 3.29  ? 6    OMY A N    1 
HETATM 100 C  CA   . OMY A 1 6 ? -1.059  -3.178  3.636   1.00 3.77  ? 6    OMY A CA   1 
HETATM 101 O  OCZ  . OMY A 1 6 ? -5.032  -1.646  -0.720  1.00 4.40  ? 6    OMY A OCZ  1 
HETATM 102 C  CE2  . OMY A 1 6 ? -3.405  -3.288  -0.104  1.00 3.69  ? 6    OMY A CE2  1 
HETATM 103 C  CE1  . OMY A 1 6 ? -4.693  -2.240  1.615   1.00 4.14  ? 6    OMY A CE1  1 
HETATM 104 C  CZ   . OMY A 1 6 ? -4.383  -2.374  0.264   1.00 3.74  ? 6    OMY A CZ   1 
HETATM 105 C  CG   . OMY A 1 6 ? -2.984  -3.794  2.216   1.00 3.36  ? 6    OMY A CG   1 
HETATM 106 C  CD2  . OMY A 1 6 ? -2.729  -4.009  0.857   1.00 3.72  ? 6    OMY A CD2  1 
HETATM 107 C  CD1  . OMY A 1 6 ? -4.010  -2.918  2.581   1.00 3.69  ? 6    OMY A CD1  1 
HETATM 108 C  CB   . OMY A 1 6 ? -2.083  -4.350  3.310   1.00 3.80  ? 6    OMY A CB   1 
HETATM 109 CL CL   . OMY A 1 6 ? -5.980  -1.147  2.120   1.00 5.21  ? 6    OMY A CL   1 
HETATM 110 O  O    . OMY A 1 6 ? 1.055   -3.941  4.495   1.00 4.67  ? 6    OMY A O    1 
HETATM 111 C  C    . OMY A 1 6 ? -0.078  -3.539  4.762   1.00 3.55  ? 6    OMY A C    1 
HETATM 112 O  ODE  . OMY A 1 6 ? -1.383  -5.470  2.875   1.00 4.48  ? 6    OMY A ODE  1 
HETATM 113 H  H    . OMY A 1 6 ? 0.029   -3.414  2.035   1.00 4.94  ? 6    OMY A H    1 
HETATM 114 H  HA   . OMY A 1 6 ? -1.583  -2.408  3.940   1.00 5.65  ? 6    OMY A HA   1 
HETATM 115 H  HE2  . OMY A 1 6 ? -3.206  -3.415  -1.004  1.00 5.54  ? 6    OMY A HE2  1 
HETATM 116 H  HD2  . OMY A 1 6 ? -2.098  -4.643  0.600   1.00 5.59  ? 6    OMY A HD2  1 
HETATM 117 H  HD1  . OMY A 1 6 ? -4.226  -2.799  3.478   1.00 5.54  ? 6    OMY A HD1  1 
HETATM 118 H  HB   . OMY A 1 6 ? -2.611  -4.568  4.105   1.00 5.70  ? 6    OMY A HB   1 
HETATM 119 H  HDE  . OMY A 1 6 ? -0.907  -5.747  3.482   1.00 6.72  ? 6    OMY A HDE  1 
HETATM 120 N  N    . 3FG A 1 7 ? -0.505  -3.298  6.006   1.00 3.81  ? 7    3FG A N    1 
HETATM 121 O  OD1  . 3FG A 1 7 ? -0.480  1.556   8.090   1.00 4.00  ? 7    3FG A OD1  1 
HETATM 122 C  CD1  . 3FG A 1 7 ? -0.450  0.250   8.458   1.00 3.61  ? 7    3FG A CD1  1 
HETATM 123 C  CG1  . 3FG A 1 7 ? 0.035   -0.753  7.617   1.00 3.76  ? 7    3FG A CG1  1 
HETATM 124 C  CZ   . 3FG A 1 7 ? -0.936  -0.062  9.741   1.00 3.74  ? 7    3FG A CZ   1 
HETATM 125 C  CD2  . 3FG A 1 7 ? -0.971  -1.368  10.169  1.00 4.28  ? 7    3FG A CD2  1 
HETATM 126 O  OD2  . 3FG A 1 7 ? -1.456  -1.761  11.361  1.00 4.72  ? 7    3FG A OD2  1 
HETATM 127 C  CG2  . 3FG A 1 7 ? -0.493  -2.386  9.319   1.00 4.51  ? 7    3FG A CG2  1 
HETATM 128 C  CB   . 3FG A 1 7 ? -0.015  -2.086  8.054   1.00 4.06  ? 7    3FG A CB   1 
HETATM 129 C  CA   . 3FG A 1 7 ? 0.437   -3.205  7.109   1.00 4.59  ? 7    3FG A CA   1 
HETATM 130 C  C    . 3FG A 1 7 ? 0.612   -4.583  7.848   1.00 5.39  ? 7    3FG A C    1 
HETATM 131 O  O    . 3FG A 1 7 ? 1.662   -4.637  8.556   1.00 7.22  ? 7    3FG A O    1 
HETATM 132 O  OXT  . 3FG A 1 7 ? -0.239  -5.432  7.713   1.00 6.41  ? 7    3FG A OXT  1 
HETATM 133 H  H    . 3FG A 1 7 ? -1.347  -3.197  6.154   1.00 5.72  ? 7    3FG A H    1 
HETATM 134 H  HA   . 3FG A 1 7 ? 1.308   -2.951  6.738   1.00 6.88  ? 7    3FG A HA   1 
HETATM 135 H  HD1  . 3FG A 1 7 ? -0.179  1.634   7.332   1.00 5.99  ? 7    3FG A HD1  1 
HETATM 136 H  HZ   . 3FG A 1 7 ? -1.235  0.618   10.301  1.00 5.61  ? 7    3FG A HZ   1 
HETATM 137 H  HD2  . 3FG A 1 7 ? -1.721  -1.107  11.778  1.00 7.09  ? 7    3FG A HD2  1 
HETATM 138 H  HG2  . 3FG A 1 7 ? -0.500  -3.269  9.611   1.00 6.76  ? 7    3FG A HG2  1 
HETATM 139 H  HXT  . 3FG A 1 7 ? -0.031  -6.098  8.145   1.00 9.61  ? 7    3FG A HXT  1 
HETATM 140 N  N    . MLU B 1 1 ? 6.198   -9.737  -5.334  1.00 5.04  ? 1    MLU B N    1 
HETATM 141 C  CN   . MLU B 1 1 ? 5.538   -11.057 -5.561  1.00 6.38  ? 1    MLU B CN   1 
HETATM 142 C  CA   . MLU B 1 1 ? 5.292   -8.639  -4.859  1.00 5.10  ? 1    MLU B CA   1 
HETATM 143 C  C    . MLU B 1 1 ? 4.662   -9.157  -3.549  1.00 5.09  ? 1    MLU B C    1 
HETATM 144 O  O    . MLU B 1 1 ? 5.368   -9.761  -2.742  1.00 6.24  ? 1    MLU B O    1 
HETATM 145 C  CB   . MLU B 1 1 ? 6.091   -7.402  -4.582  1.00 5.91  ? 1    MLU B CB   1 
HETATM 146 C  CG   . MLU B 1 1 ? 6.819   -6.773  -5.808  1.00 7.23  ? 1    MLU B CG   1 
HETATM 147 C  CD1  . MLU B 1 1 ? 5.826   -6.350  -6.854  1.00 11.16 ? 1    MLU B CD1  1 
HETATM 148 C  CD2  . MLU B 1 1 ? 7.679   -5.667  -5.378  1.00 8.76  ? 1    MLU B CD2  1 
HETATM 149 H  H    . MLU B 1 1 ? 6.629   -9.443  -6.196  1.00 7.56  ? 1    MLU B H    1 
HETATM 150 H  HCN1 . MLU B 1 1 ? 6.192   -11.694 -5.860  1.00 9.57  ? 1    MLU B HCN1 1 
HETATM 151 H  HCN2 . MLU B 1 1 ? 4.854   -10.963 -6.228  1.00 9.57  ? 1    MLU B HCN2 1 
HETATM 152 H  HCN3 . MLU B 1 1 ? 5.145   -11.364 -4.740  1.00 9.57  ? 1    MLU B HCN3 1 
HETATM 153 H  HA   . MLU B 1 1 ? 4.596   -8.457  -5.524  1.00 7.65  ? 1    MLU B HA   1 
HETATM 154 H  HB2  . MLU B 1 1 ? 6.756   -7.613  -3.908  1.00 8.86  ? 1    MLU B HB2  1 
HETATM 155 H  HB3  . MLU B 1 1 ? 5.497   -6.734  -4.205  1.00 8.86  ? 1    MLU B HB3  1 
HETATM 156 H  HG   . MLU B 1 1 ? 7.393   -7.463  -6.201  1.00 10.84 ? 1    MLU B HG   1 
HETATM 157 H  HD11 . MLU B 1 1 ? 5.285   -7.102  -7.105  1.00 16.75 ? 1    MLU B HD11 1 
HETATM 158 H  HD12 . MLU B 1 1 ? 6.293   -6.020  -7.624  1.00 16.75 ? 1    MLU B HD12 1 
HETATM 159 H  HD13 . MLU B 1 1 ? 5.264   -5.657  -6.499  1.00 16.75 ? 1    MLU B HD13 1 
HETATM 160 H  HD21 . MLU B 1 1 ? 8.293   -5.981  -4.710  1.00 13.15 ? 1    MLU B HD21 1 
HETATM 161 H  HD22 . MLU B 1 1 ? 7.137   -4.965  -5.009  1.00 13.15 ? 1    MLU B HD22 1 
HETATM 162 H  HD23 . MLU B 1 1 ? 8.168   -5.331  -6.131  1.00 13.15 ? 1    MLU B HD23 1 
HETATM 163 H  HN22 . MLU B 1 1 ? 6.933   -9.861  -4.654  1.00 7.56  ? 1    MLU B HN22 1 
HETATM 164 N  N    . OMZ B 1 2 ? 3.393   -8.825  -3.344  1.00 5.26  ? 2    OMZ B N    1 
HETATM 165 C  CA   . OMZ B 1 2 ? 2.697   -9.358  -2.189  1.00 5.29  ? 2    OMZ B CA   1 
HETATM 166 C  C    . OMZ B 1 2 ? 2.367   -8.311  -1.125  1.00 4.79  ? 2    OMZ B C    1 
HETATM 167 O  O    . OMZ B 1 2 ? 1.860   -8.674  -0.075  1.00 5.81  ? 2    OMZ B O    1 
HETATM 168 C  CB   . OMZ B 1 2 ? 1.434   -10.211 -2.574  1.00 5.92  ? 2    OMZ B CB   1 
HETATM 169 O  OC   . OMZ B 1 2 ? 1.933   -11.097 -3.563  1.00 8.05  ? 2    OMZ B OC   1 
HETATM 170 C  CG   . OMZ B 1 2 ? 0.313   -9.312  -3.076  1.00 4.93  ? 2    OMZ B CG   1 
HETATM 171 C  CD1  . OMZ B 1 2 ? -0.611  -8.810  -2.170  1.00 4.58  ? 2    OMZ B CD1  1 
HETATM 172 C  CD2  . OMZ B 1 2 ? 0.285   -8.856  -4.390  1.00 5.99  ? 2    OMZ B CD2  1 
HETATM 173 C  CE1  . OMZ B 1 2 ? -1.518  -7.864  -2.550  1.00 4.14  ? 2    OMZ B CE1  1 
HETATM 174 CL CL   . OMZ B 1 2 ? -2.675  -7.233  -1.389  1.00 5.10  ? 2    OMZ B CL   1 
HETATM 175 C  CE2  . OMZ B 1 2 ? -0.632  -7.899  -4.756  1.00 5.39  ? 2    OMZ B CE2  1 
HETATM 176 C  CZ   . OMZ B 1 2 ? -1.516  -7.363  -3.843  1.00 4.63  ? 2    OMZ B CZ   1 
HETATM 177 O  OH   . OMZ B 1 2 ? -2.352  -6.333  -4.207  1.00 5.00  ? 2    OMZ B OH   1 
HETATM 178 H  H    . OMZ B 1 2 ? 2.987   -8.299  -3.891  1.00 7.88  ? 2    OMZ B H    1 
HETATM 179 H  HA   . OMZ B 1 2 ? 3.321   -9.982  -1.766  1.00 7.93  ? 2    OMZ B HA   1 
HETATM 180 H  HB   . OMZ B 1 2 ? 1.127   -10.720 -1.795  1.00 8.88  ? 2    OMZ B HB   1 
HETATM 181 H  HC   . OMZ B 1 2 ? 2.532   -11.556 -3.241  1.00 12.07 ? 2    OMZ B HC   1 
HETATM 182 H  HD1  . OMZ B 1 2 ? -0.612  -9.122  -1.293  1.00 6.87  ? 2    OMZ B HD1  1 
HETATM 183 H  HD2  . OMZ B 1 2 ? 0.883   -9.196  -5.016  1.00 8.98  ? 2    OMZ B HD2  1 
HETATM 184 H  HE2  . OMZ B 1 2 ? -0.658  -7.608  -5.639  1.00 8.08  ? 2    OMZ B HE2  1 
ATOM   185 N  N    . ASN B 1 3 ? 2.674   -7.057  -1.382  1.00 4.70  ? 3    ASN B N    1 
ATOM   186 C  CA   . ASN B 1 3 ? 2.705   -6.012  -0.323  1.00 4.69  ? 3    ASN B CA   1 
ATOM   187 C  C    . ASN B 1 3 ? 1.599   -4.965  -0.463  1.00 3.75  ? 3    ASN B C    1 
ATOM   188 O  O    . ASN B 1 3 ? 0.834   -4.749  0.461   1.00 5.25  ? 3    ASN B O    1 
ATOM   189 C  CB   A ASN B 1 3 ? 4.091   -5.340  -0.388  0.60 5.86  ? 3    ASN B CB   1 
ATOM   190 C  CB   B ASN B 1 3 ? 4.090   -5.473  -0.008  0.40 6.85  ? 3    ASN B CB   1 
ATOM   191 C  CG   A ASN B 1 3 ? 5.219   -6.354  -0.376  0.60 6.92  ? 3    ASN B CG   1 
ATOM   192 C  CG   B ASN B 1 3 ? 5.102   -6.509  0.507   0.40 7.29  ? 3    ASN B CG   1 
ATOM   193 O  OD1  A ASN B 1 3 ? 6.248   -6.102  -1.111  0.60 11.27 ? 3    ASN B OD1  1 
ATOM   194 O  OD1  B ASN B 1 3 ? 6.222   -6.506  0.001   0.40 9.96  ? 3    ASN B OD1  1 
ATOM   195 N  ND2  A ASN B 1 3 ? 5.060   -7.467  0.249   0.60 9.13  ? 3    ASN B ND2  1 
ATOM   196 N  ND2  B ASN B 1 3 ? 4.623   -7.315  1.433   0.40 9.42  ? 3    ASN B ND2  1 
ATOM   197 H  H    . ASN B 1 3 ? 2.862   -6.834  -2.191  1.00 7.05  ? 3    ASN B H    1 
ATOM   198 H  HA   . ASN B 1 3 ? 2.611   -6.450  0.548   1.00 7.03  ? 3    ASN B HA   1 
ATOM   199 H  HB2  A ASN B 1 3 ? 4.149   -4.808  -1.196  0.60 8.79  ? 3    ASN B HB2  1 
ATOM   200 H  HB2  B ASN B 1 3 ? 4.451   -5.065  -0.811  0.40 10.28 ? 3    ASN B HB2  1 
ATOM   201 H  HB3  A ASN B 1 3 ? 4.192   -4.743  0.370   0.60 8.79  ? 3    ASN B HB3  1 
ATOM   202 H  HB3  B ASN B 1 3 ? 4.002   -4.773  0.659   0.40 10.28 ? 3    ASN B HB3  1 
ATOM   203 H  HD21 A ASN B 1 3 ? 4.357   -7.594  0.729   0.60 13.69 ? 3    ASN B HD21 1 
ATOM   204 H  HD21 B ASN B 1 3 ? 3.815   -7.218  1.712   0.40 14.12 ? 3    ASN B HD21 1 
ATOM   205 H  HD22 A ASN B 1 3 ? 5.655   -8.085  0.187   0.60 13.69 ? 3    ASN B HD22 1 
ATOM   206 H  HD22 B ASN B 1 3 ? 5.119   -7.939  1.759   0.40 14.12 ? 3    ASN B HD22 1 
HETATM 207 N  N    . GHP B 1 4 ? 1.566   -4.283  -1.617  1.00 3.84  ? 4    GHP B N    1 
HETATM 208 C  CA   . GHP B 1 4 ? 0.654   -3.162  -1.836  1.00 3.48  ? 4    GHP B CA   1 
HETATM 209 C  C    . GHP B 1 4 ? 1.431   -1.981  -2.405  1.00 3.52  ? 4    GHP B C    1 
HETATM 210 O  O    . GHP B 1 4 ? 2.150   -2.109  -3.380  1.00 4.85  ? 4    GHP B O    1 
HETATM 211 C  C1   . GHP B 1 4 ? -0.504  -3.485  -2.780  1.00 3.69  ? 4    GHP B C1   1 
HETATM 212 C  C2   . GHP B 1 4 ? -1.231  -2.461  -3.331  1.00 4.55  ? 4    GHP B C2   1 
HETATM 213 C  C3   . GHP B 1 4 ? -2.252  -2.710  -4.221  1.00 5.64  ? 4    GHP B C3   1 
HETATM 214 C  C4   . GHP B 1 4 ? -2.622  -4.035  -4.512  1.00 5.87  ? 4    GHP B C4   1 
HETATM 215 O  O4   A GHP B 1 4 ? -3.544  -4.327  -5.430  0.65 4.65  ? 4    GHP B O4   1 
HETATM 216 O  O4   B GHP B 1 4 ? -4.055  -4.111  -5.072  0.35 4.47  ? 4    GHP B O4   1 
HETATM 217 C  C5   . GHP B 1 4 ? -1.907  -5.042  -3.917  1.00 4.39  ? 4    GHP B C5   1 
HETATM 218 C  C6   . GHP B 1 4 ? -0.850  -4.788  -3.074  1.00 4.12  ? 4    GHP B C6   1 
HETATM 219 H  H    . GHP B 1 4 ? 2.099   -4.514  -2.251  1.00 5.76  ? 4    GHP B H    1 
HETATM 220 H  HA   . GHP B 1 4 ? 0.281   -2.896  -0.970  1.00 5.23  ? 4    GHP B HA   1 
HETATM 221 H  HC2  . GHP B 1 4 ? -1.031  -1.583  -3.098  1.00 6.82  ? 4    GHP B HC2  1 
HETATM 222 H  H6   . GHP B 1 4 ? -0.370  -5.492  -2.702  1.00 6.17  ? 4    GHP B H6   1 
HETATM 223 N  N    . GHP B 1 5 ? 1.182   -0.811  -1.800  1.00 3.52  ? 5    GHP B N    1 
HETATM 224 C  CA   . GHP B 1 5 ? 1.490   0.492   -2.357  1.00 3.83  ? 5    GHP B CA   1 
HETATM 225 C  C    . GHP B 1 5 ? 0.285   1.399   -1.977  1.00 3.65  ? 5    GHP B C    1 
HETATM 226 O  O    . GHP B 1 5 ? -0.455  1.039   -1.063  1.00 3.88  ? 5    GHP B O    1 
HETATM 227 C  C1   . GHP B 1 5 ? 2.726   1.187   -1.788  1.00 4.26  ? 5    GHP B C1   1 
HETATM 228 C  C2   . GHP B 1 5 ? 3.660   1.699   -2.661  1.00 4.68  ? 5    GHP B C2   1 
HETATM 229 C  C3   . GHP B 1 5 ? 4.680   2.559   -2.210  1.00 5.25  ? 5    GHP B C3   1 
HETATM 230 C  C4   . GHP B 1 5 ? 4.766   2.801   -0.858  1.00 5.55  ? 5    GHP B C4   1 
HETATM 231 O  O4   . GHP B 1 5 ? 5.772   3.644   -0.414  1.00 6.82  ? 5    GHP B O4   1 
HETATM 232 C  C5   . GHP B 1 5 ? 3.871   2.257   0.042   1.00 5.11  ? 5    GHP B C5   1 
HETATM 233 C  C6   . GHP B 1 5 ? 2.849   1.443   -0.440  1.00 4.56  ? 5    GHP B C6   1 
HETATM 234 H  H    . GHP B 1 5 ? 0.811   -0.834  -1.024  1.00 5.28  ? 5    GHP B H    1 
HETATM 235 H  HA   . GHP B 1 5 ? 1.564   0.428   -3.331  1.00 5.74  ? 5    GHP B HA   1 
HETATM 236 H  HC2  . GHP B 1 5 ? 3.617   1.473   -3.563  1.00 7.02  ? 5    GHP B HC2  1 
HETATM 237 H  HO4  . GHP B 1 5 ? 5.728   3.716   0.402   1.00 10.23 ? 5    GHP B HO4  1 
HETATM 238 H  H5   . GHP B 1 5 ? 3.950   2.428   0.953   1.00 7.67  ? 5    GHP B H5   1 
HETATM 239 H  H6   . GHP B 1 5 ? 2.241   1.068   0.156   1.00 6.84  ? 5    GHP B H6   1 
HETATM 240 N  N    . OMY B 1 6 ? 0.155   2.594   -2.565  1.00 3.61  ? 6    OMY B N    1 
HETATM 241 C  CA   . OMY B 1 6 ? 0.771   3.044   -3.791  1.00 4.09  ? 6    OMY B CA   1 
HETATM 242 O  OCZ  . OMY B 1 6 ? -2.977  -1.707  -4.838  1.00 6.82  ? 6    OMY B OCZ  1 
HETATM 243 C  CE2  . OMY B 1 6 ? -2.867  0.602   -4.178  1.00 5.30  ? 6    OMY B CE2  1 
HETATM 244 C  CE1  . OMY B 1 6 ? -1.254  -0.271  -5.705  1.00 5.65  ? 6    OMY B CE1  1 
HETATM 245 C  CZ   . OMY B 1 6 ? -2.348  -0.472  -4.912  1.00 5.35  ? 6    OMY B CZ   1 
HETATM 246 C  CG   . OMY B 1 6 ? -1.091  2.011   -5.001  1.00 4.60  ? 6    OMY B CG   1 
HETATM 247 C  CD2  . OMY B 1 6 ? -2.249  1.806   -4.220  1.00 4.49  ? 6    OMY B CD2  1 
HETATM 248 C  CD1  . OMY B 1 6 ? -0.630  0.955   -5.761  1.00 5.22  ? 6    OMY B CD1  1 
HETATM 249 C  CB   . OMY B 1 6 ? -0.309  3.290   -4.891  1.00 4.50  ? 6    OMY B CB   1 
HETATM 250 CL CL   . OMY B 1 6 ? -0.578  -1.591  -6.642  1.00 8.09  ? 6    OMY B CL   1 
HETATM 251 O  O    . OMY B 1 6 ? 1.369   5.059   -2.629  1.00 3.95  ? 6    OMY B O    1 
HETATM 252 C  C    . OMY B 1 6 ? 1.691   4.228   -3.495  1.00 3.87  ? 6    OMY B C    1 
HETATM 253 O  ODE  . OMY B 1 6 ? -1.075  4.411   -4.527  1.00 4.63  ? 6    OMY B ODE  1 
HETATM 254 H  H    . OMY B 1 6 ? -0.354  3.161   -2.166  1.00 5.41  ? 6    OMY B H    1 
HETATM 255 H  HA   . OMY B 1 6 ? 1.341   2.313   -4.108  1.00 6.13  ? 6    OMY B HA   1 
HETATM 256 H  HE2  . OMY B 1 6 ? -3.633  0.488   -3.663  1.00 7.95  ? 6    OMY B HE2  1 
HETATM 257 H  HD2  . OMY B 1 6 ? -2.595  2.514   -3.724  1.00 6.73  ? 6    OMY B HD2  1 
HETATM 258 H  HD1  . OMY B 1 6 ? 0.109   1.072   -6.313  1.00 7.83  ? 6    OMY B HD1  1 
HETATM 259 H  HB   . OMY B 1 6 ? 0.137   3.470   -5.745  1.00 6.75  ? 6    OMY B HB   1 
HETATM 260 H  HDE  . OMY B 1 6 ? -1.857  4.185   -4.426  1.00 6.94  ? 6    OMY B HDE  1 
HETATM 261 N  N    . 3FG B 1 7 ? 2.848   4.236   -4.132  1.00 4.82  ? 7    3FG B N    1 
HETATM 262 O  OD1  . 3FG B 1 7 ? 7.137   1.431   -2.690  1.00 9.28  ? 7    3FG B OD1  1 
HETATM 263 C  CD1  . 3FG B 1 7 ? 6.828   2.490   -3.470  1.00 7.28  ? 7    3FG B CD1  1 
HETATM 264 C  CG1  . 3FG B 1 7 ? 5.619   3.158   -3.223  1.00 6.07  ? 7    3FG B CG1  1 
HETATM 265 C  CZ   . 3FG B 1 7 ? 7.723   2.975   -4.403  1.00 9.18  ? 7    3FG B CZ   1 
HETATM 266 C  CD2  . 3FG B 1 7 ? 7.405   4.123   -5.167  1.00 8.94  ? 7    3FG B CD2  1 
HETATM 267 O  OD2  . 3FG B 1 7 ? 8.247   4.586   -6.089  1.00 11.87 ? 7    3FG B OD2  1 
HETATM 268 C  CG2  . 3FG B 1 7 ? 6.180   4.740   -4.906  1.00 7.85  ? 7    3FG B CG2  1 
HETATM 269 C  CB   . 3FG B 1 7 ? 5.293   4.277   -3.965  1.00 6.28  ? 7    3FG B CB   1 
HETATM 270 C  CA   . 3FG B 1 7 ? 3.988   5.063   -3.717  1.00 6.39  ? 7    3FG B CA   1 
HETATM 271 C  C    . 3FG B 1 7 ? 3.933   6.476   -4.403  1.00 9.14  ? 7    3FG B C    1 
HETATM 272 O  O    . 3FG B 1 7 ? 4.550   7.345   -3.844  1.00 12.46 ? 7    3FG B O    1 
HETATM 273 O  OXT  . 3FG B 1 7 ? 3.369   6.588   -5.454  1.00 13.92 ? 7    3FG B OXT  1 
HETATM 274 H  H    . 3FG B 1 7 ? 2.939   3.733   -4.823  1.00 7.23  ? 7    3FG B H    1 
HETATM 275 H  HA   . 3FG B 1 7 ? 3.910   5.204   -2.749  1.00 9.58  ? 7    3FG B HA   1 
HETATM 276 H  HD1  . 3FG B 1 7 ? 7.891   1.166   -2.874  1.00 13.92 ? 7    3FG B HD1  1 
HETATM 277 H  HZ   . 3FG B 1 7 ? 8.539   2.547   -4.529  1.00 13.77 ? 7    3FG B HZ   1 
HETATM 278 H  HD2  . 3FG B 1 7 ? 8.914   4.111   -6.113  1.00 17.81 ? 7    3FG B HD2  1 
HETATM 279 H  HG2  . 3FG B 1 7 ? 5.954   5.500   -5.393  1.00 11.77 ? 7    3FG B HG2  1 
HETATM 280 H  HXT  . 3FG B 1 7 ? 3.411   7.368   -5.705  1.00 20.89 ? 7    3FG B HXT  1 
HETATM 281 C  C2   . BGC C 2 . ? -7.881  -1.549  -3.492  1.00 7.74  ? 1    BGC C C2   1 
HETATM 282 C  C3   . BGC C 2 . ? -7.723  -2.309  -4.782  1.00 9.84  ? 1    BGC C C3   1 
HETATM 283 C  C4   . BGC C 2 . ? -7.327  -1.287  -5.886  1.00 9.80  ? 1    BGC C C4   1 
HETATM 284 C  C5   . BGC C 2 . ? -6.134  -0.445  -5.398  1.00 9.23  ? 1    BGC C C5   1 
HETATM 285 C  C6   . BGC C 2 . ? -5.759  0.750   -6.364  1.00 11.48 ? 1    BGC C C6   1 
HETATM 286 C  C1   . BGC C 2 . ? -6.680  -0.767  -3.143  1.00 6.08  ? 1    BGC C C1   1 
HETATM 287 O  O2   . BGC C 2 . ? -8.191  -2.507  -2.460  1.00 8.35  ? 1    BGC C O2   1 
HETATM 288 O  O3   . BGC C 2 . ? -8.902  -2.988  -5.153  1.00 14.77 ? 1    BGC C O3   1 
HETATM 289 O  O4   . BGC C 2 . ? -6.904  -1.977  -7.060  1.00 14.63 ? 1    BGC C O4   1 
HETATM 290 O  O5   . BGC C 2 . ? -6.431  0.159   -4.158  1.00 6.86  ? 1    BGC C O5   1 
HETATM 291 O  O6   . BGC C 2 . ? -6.832  1.535   -6.678  1.00 13.77 ? 1    BGC C O6   1 
HETATM 292 H  H2   . BGC C 2 . ? -8.638  -0.934  -3.583  1.00 11.61 ? 1    BGC C H2   1 
HETATM 293 H  H3   . BGC C 2 . ? -6.999  -2.963  -4.680  1.00 14.76 ? 1    BGC C H3   1 
HETATM 294 H  H4   . BGC C 2 . ? -8.086  -0.704  -6.094  1.00 14.70 ? 1    BGC C H4   1 
HETATM 295 H  H5   . BGC C 2 . ? -5.353  -1.028  -5.292  1.00 13.85 ? 1    BGC C H5   1 
HETATM 296 H  H61  . BGC C 2 . ? -5.080  1.298   -5.939  1.00 17.22 ? 1    BGC C H61  1 
HETATM 297 H  H62  . BGC C 2 . ? -5.382  0.390   -7.181  1.00 17.22 ? 1    BGC C H62  1 
HETATM 298 H  H1   . BGC C 2 . ? -5.910  -1.363  -3.033  1.00 9.12  ? 1    BGC C H1   1 
HETATM 299 H  HO3  . BGC C 2 . ? -8.776  -3.388  -5.859  1.00 22.15 ? 1    BGC C HO3  1 
HETATM 300 H  HO4  . BGC C 2 . ? -6.124  -1.783  -7.226  1.00 21.95 ? 1    BGC C HO4  1 
HETATM 301 H  HO6  . BGC C 2 . ? -7.145  1.856   -5.991  1.00 20.66 ? 1    BGC C HO6  1 
HETATM 302 C  C1   . RER C 2 . ? -9.538  -2.571  -2.064  1.00 9.59  ? 2    RER C C1   1 
HETATM 303 C  C2   . RER C 2 . ? -9.668  -3.853  -1.288  1.00 9.69  ? 2    RER C C2   1 
HETATM 304 C  C3   . RER C 2 . ? -9.175  -3.711  0.139   1.00 8.09  ? 2    RER C C3   1 
HETATM 305 N  N3   . RER C 2 . ? -9.743  -4.871  0.926   1.00 10.96 ? 2    RER C N3   1 
HETATM 306 C  C3A  . RER C 2 . ? -7.685  -3.835  0.277   1.00 7.94  ? 2    RER C C3A  1 
HETATM 307 C  C4   . RER C 2 . ? -9.671  -2.407  0.781   1.00 10.01 ? 2    RER C C4   1 
HETATM 308 O  O4   A RER C 2 . ? -11.151 -2.627  0.737   0.75 9.20  ? 2    RER C O4   1 
HETATM 309 O  O4   B RER C 2 . ? -10.777 -1.776  1.742   0.25 6.43  ? 2    RER C O4   1 
HETATM 310 C  C5   . RER C 2 . ? -9.280  -1.232  -0.108  1.00 9.45  ? 2    RER C C5   1 
HETATM 311 O  O5   . RER C 2 . ? -9.884  -1.382  -1.388  1.00 11.21 ? 2    RER C O5   1 
HETATM 312 C  C5A  . RER C 2 . ? -9.741  0.124   0.448   1.00 12.46 ? 2    RER C C5A  1 
HETATM 313 H  H1   . RER C 2 . ? -10.093 -2.640  -2.868  1.00 14.39 ? 2    RER C H1   1 
HETATM 314 H  H21C . RER C 2 . ? -9.159  -4.549  -1.733  1.00 14.54 ? 2    RER C H21C 1 
HETATM 315 H  H22C . RER C 2 . ? -10.599 -4.126  -1.277  1.00 14.54 ? 2    RER C H22C 1 
HETATM 316 H  H31N . RER C 2 . ? -10.750 -4.850  0.879   1.00 16.44 ? 2    RER C H31N 1 
HETATM 317 H  H32N . RER C 2 . ? -9.451  -4.800  1.889   1.00 16.44 ? 2    RER C H32N 1 
HETATM 318 H  H3A1 . RER C 2 . ? -7.439  -3.734  1.199   1.00 11.91 ? 2    RER C H3A1 1 
HETATM 319 H  H3A2 . RER C 2 . ? -7.258  -3.152  -0.246  1.00 11.91 ? 2    RER C H3A2 1 
HETATM 320 H  H3A3 . RER C 2 . ? -7.406  -4.698  -0.036  1.00 11.91 ? 2    RER C H3A3 1 
HETATM 321 H  H4   . RER C 2 . ? -9.342  -2.300  1.698   1.00 15.01 ? 2    RER C H4   1 
HETATM 322 H  HO4  A RER C 2 . ? -11.495 -2.073  0.239   0.75 13.80 ? 2    RER C HO4  1 
HETATM 323 H  H5   . RER C 2 . ? -8.305  -1.221  -0.213  1.00 14.17 ? 2    RER C H5   1 
HETATM 324 H  H5A1 . RER C 2 . ? -9.468  0.825   -0.148  1.00 18.69 ? 2    RER C H5A1 1 
HETATM 325 H  H5A2 . RER C 2 . ? -9.344  0.267   1.312   1.00 18.69 ? 2    RER C H5A2 1 
HETATM 326 H  H5A3 . RER C 2 . ? -10.697 0.128   0.531   1.00 18.69 ? 2    RER C H5A3 1 
HETATM 327 H  H33N . RER C 2 . ? -9.406  -5.739  0.535   1.00 16.44 ? 2    RER C H33N 1 
HETATM 328 C  C2   A BGC D 2 . ? -4.554  -5.360  -7.284  0.65 5.75  ? 1    BGC D C2   1 
HETATM 329 C  C2   B BGC D 2 . ? -5.269  -4.969  -6.953  0.35 4.66  ? 1    BGC D C2   1 
HETATM 330 C  C3   A BGC D 2 . ? -4.419  -5.742  -8.758  0.65 6.50  ? 1    BGC D C3   1 
HETATM 331 C  C3   B BGC D 2 . ? -5.320  -5.241  -8.451  0.35 6.06  ? 1    BGC D C3   1 
HETATM 332 C  C4   A BGC D 2 . ? -3.467  -4.800  -9.542  0.65 7.51  ? 1    BGC D C4   1 
HETATM 333 C  C4   B BGC D 2 . ? -4.876  -3.951  -9.194  0.35 6.67  ? 1    BGC D C4   1 
HETATM 334 C  C5   A BGC D 2 . ? -2.160  -4.661  -8.734  0.65 7.16  ? 1    BGC D C5   1 
HETATM 335 C  C5   B BGC D 2 . ? -3.564  -3.451  -8.562  0.35 7.02  ? 1    BGC D C5   1 
HETATM 336 C  C6   A BGC D 2 . ? -1.141  -3.731  -9.383  0.65 8.25  ? 1    BGC D C6   1 
HETATM 337 C  C6   B BGC D 2 . ? -3.073  -2.089  -9.142  0.35 8.31  ? 1    BGC D C6   1 
HETATM 338 C  C1   A BGC D 2 . ? -3.240  -4.970  -6.651  0.65 5.31  ? 1    BGC D C1   1 
HETATM 339 C  C1   B BGC D 2 . ? -3.971  -4.452  -6.475  0.35 4.64  ? 1    BGC D C1   1 
HETATM 340 O  O2   A BGC D 2 . ? -5.054  -6.560  -6.568  0.65 5.73  ? 1    BGC D O2   1 
HETATM 341 O  O2   B BGC D 2 . ? -5.385  -6.312  -6.333  0.35 6.88  ? 1    BGC D O2   1 
HETATM 342 O  O3   A BGC D 2 . ? -5.731  -5.759  -9.351  0.65 7.80  ? 1    BGC D O3   1 
HETATM 343 O  O3   B BGC D 2 . ? -6.651  -5.551  -8.879  0.35 5.44  ? 1    BGC D O3   1 
HETATM 344 O  O4   A BGC D 2 . ? -3.182  -5.334  -10.825 0.65 8.67  ? 1    BGC D O4   1 
HETATM 345 O  O4   B BGC D 2 . ? -4.719  -4.214  -10.585 0.35 8.05  ? 1    BGC D O4   1 
HETATM 346 O  O5   A BGC D 2 . ? -2.522  -4.058  -7.473  0.65 6.21  ? 1    BGC D O5   1 
HETATM 347 O  O5   B BGC D 2 . ? -3.653  -3.283  -7.176  0.35 5.89  ? 1    BGC D O5   1 
HETATM 348 O  O6   A BGC D 2 . ? 0.145   -3.771  -8.787  0.65 9.56  ? 1    BGC D O6   1 
HETATM 349 O  O6   B BGC D 2 . ? -2.044  -2.229  -10.034 0.35 11.56 ? 1    BGC D O6   1 
HETATM 350 H  H2   A BGC D 2 . ? -5.196  -4.626  -7.191  0.65 8.63  ? 1    BGC D H2   1 
HETATM 351 H  H2   B BGC D 2 . ? -6.007  -4.386  -6.674  0.35 6.99  ? 1    BGC D H2   1 
HETATM 352 H  H3   A BGC D 2 . ? -4.054  -6.650  -8.804  0.65 9.75  ? 1    BGC D H3   1 
HETATM 353 H  H3   B BGC D 2 . ? -4.716  -5.980  -8.677  0.35 9.09  ? 1    BGC D H3   1 
HETATM 354 H  H4   A BGC D 2 . ? -3.887  -3.921  -9.640  0.65 11.27 ? 1    BGC D H4   1 
HETATM 355 H  H4   B BGC D 2 . ? -5.566  -3.264  -9.076  0.35 10.01 ? 1    BGC D H4   1 
HETATM 356 H  H5   A BGC D 2 . ? -1.762  -5.543  -8.582  0.65 10.73 ? 1    BGC D H5   1 
HETATM 357 H  H5   B BGC D 2 . ? -2.871  -4.121  -8.740  0.35 10.54 ? 1    BGC D H5   1 
HETATM 358 H  H61  A BGC D 2 . ? -1.058  -3.967  -10.320 0.65 12.37 ? 1    BGC D H61  1 
HETATM 359 H  H61  B BGC D 2 . ? -3.816  -1.647  -9.584  0.35 12.47 ? 1    BGC D H61  1 
HETATM 360 H  H62  A BGC D 2 . ? -1.477  -2.822  -9.337  0.65 12.37 ? 1    BGC D H62  1 
HETATM 361 H  H62  B BGC D 2 . ? -2.783  -1.520  -8.412  0.35 12.47 ? 1    BGC D H62  1 
HETATM 362 H  H1   A BGC D 2 . ? -2.698  -5.769  -6.483  0.65 7.97  ? 1    BGC D H1   1 
HETATM 363 H  H1   B BGC D 2 . ? -3.273  -5.125  -6.614  0.35 6.96  ? 1    BGC D H1   1 
HETATM 364 H  HO3  A BGC D 2 . ? -6.290  -5.559  -8.785  0.65 11.69 ? 1    BGC D HO3  1 
HETATM 365 H  HO3  B BGC D 2 . ? -7.158  -5.525  -8.235  0.35 8.17  ? 1    BGC D HO3  1 
HETATM 366 H  HO4  A BGC D 2 . ? -3.879  -5.409  -11.250 0.65 13.01 ? 1    BGC D HO4  1 
HETATM 367 H  HO4  B BGC D 2 . ? -3.946  -4.053  -10.809 0.35 12.07 ? 1    BGC D HO4  1 
HETATM 368 H  HO6  A BGC D 2 . ? 0.444   -4.533  -8.835  0.65 14.33 ? 1    BGC D HO6  1 
HETATM 369 H  HO6  B BGC D 2 . ? -1.407  -2.590  -9.662  0.35 17.35 ? 1    BGC D HO6  1 
HETATM 370 C  C1   . RER D 2 . ? -6.395  -6.558  -5.977  1.00 6.39  ? 2    RER D C1   1 
HETATM 371 C  C2   . RER D 2 . ? -6.754  -8.017  -5.661  1.00 5.32  ? 2    RER D C2   1 
HETATM 372 C  C3   . RER D 2 . ? -5.980  -8.550  -4.455  1.00 3.95  ? 2    RER D C3   1 
HETATM 373 N  N3   . RER D 2 . ? -6.609  -9.863  -4.035  1.00 3.87  ? 2    RER D N3   1 
HETATM 374 C  C3A  . RER D 2 . ? -4.544  -8.859  -4.774  1.00 4.08  ? 2    RER D C3A  1 
HETATM 375 C  C4   . RER D 2 . ? -6.144  -7.574  -3.278  1.00 4.45  ? 2    RER D C4   1 
HETATM 376 O  O4   . RER D 2 . ? -7.538  -7.613  -2.894  1.00 6.16  ? 2    RER D O4   1 
HETATM 377 C  C5   . RER D 2 . ? -5.716  -6.200  -3.719  1.00 5.60  ? 2    RER D C5   1 
HETATM 378 O  O5   . RER D 2 . ? -6.555  -5.748  -4.797  1.00 7.05  ? 2    RER D O5   1 
HETATM 379 C  C5A  . RER D 2 . ? -5.825  -5.141  -2.609  1.00 7.02  ? 2    RER D C5A  1 
HETATM 380 H  H1   . RER D 2 . ? -7.025  -6.232  -6.654  1.00 9.59  ? 2    RER D H1   1 
HETATM 381 H  H21C . RER D 2 . ? -7.705  -8.081  -5.483  1.00 7.97  ? 2    RER D H21C 1 
HETATM 382 H  H22C . RER D 2 . ? -6.557  -8.567  -6.435  1.00 7.97  ? 2    RER D H22C 1 
HETATM 383 H  H31N . RER D 2 . ? -7.580  -9.712  -3.809  1.00 5.80  ? 2    RER D H31N 1 
HETATM 384 H  H32N . RER D 2 . ? -6.126  -10.223 -3.226  1.00 5.80  ? 2    RER D H32N 1 
HETATM 385 H  H3A1 . RER D 2 . ? -4.104  -9.187  -3.987  1.00 6.12  ? 2    RER D H3A1 1 
HETATM 386 H  H3A2 . RER D 2 . ? -4.105  -8.059  -5.076  1.00 6.12  ? 2    RER D H3A2 1 
HETATM 387 H  H3A3 . RER D 2 . ? -4.506  -9.524  -5.464  1.00 6.12  ? 2    RER D H3A3 1 
HETATM 388 H  H4   . RER D 2 . ? -5.588  -7.868  -2.526  1.00 6.68  ? 2    RER D H4   1 
HETATM 389 H  HO4  . RER D 2 . ? -7.867  -6.867  -2.984  1.00 9.23  ? 2    RER D HO4  1 
HETATM 390 H  H5   . RER D 2 . ? -4.787  -6.240  -4.031  1.00 8.40  ? 2    RER D H5   1 
HETATM 391 H  H5A1 . RER D 2 . ? -5.541  -4.290  -2.949  1.00 10.53 ? 2    RER D H5A1 1 
HETATM 392 H  H5A2 . RER D 2 . ? -5.267  -5.394  -1.870  1.00 10.53 ? 2    RER D H5A2 1 
HETATM 393 H  H5A3 . RER D 2 . ? -6.736  -5.080  -2.314  1.00 10.53 ? 2    RER D H5A3 1 
HETATM 394 H  H33N . RER D 2 . ? -6.539  -10.526 -4.792  1.00 5.80  ? 2    RER D H33N 1 
HETATM 395 C  C    . ACY E 3 . ? 2.649   -5.800  -4.818  1.00 8.68  ? 11   ACY A C    1 
HETATM 396 O  O    . ACY E 3 . ? 2.545   -7.003  -5.312  1.00 8.11  ? 11   ACY A O    1 
HETATM 397 O  OXT  . ACY E 3 . ? 3.205   -5.457  -3.718  1.00 8.10  ? 11   ACY A OXT  1 
HETATM 398 C  CH3  . ACY E 3 . ? 2.076   -4.726  -5.726  1.00 10.76 ? 11   ACY A CH3  1 
HETATM 399 H  HXT  . ACY E 3 . ? 3.175   -4.642  -3.640  1.00 12.15 ? 11   ACY A HXT  1 
HETATM 400 H  H1   . ACY E 3 . ? 1.696   -5.136  -6.507  1.00 16.14 ? 11   ACY A H1   1 
HETATM 401 H  H2   . ACY E 3 . ? 2.777   -4.124  -5.990  1.00 16.14 ? 11   ACY A H2   1 
HETATM 402 H  H3   . ACY E 3 . ? 1.396   -4.238  -5.256  1.00 16.14 ? 11   ACY A H3   1 
HETATM 403 CL CL   . CL  F 4 . ? -3.435  -2.105  6.230   1.00 4.90  ? 21   CL  A CL   1 
HETATM 404 CL CL   . CL  G 4 . ? -9.112  7.244   2.099   1.00 15.43 ? 22   CL  A CL   1 
HETATM 405 CL CL   . CL  H 4 . ? -7.642  -7.477  0.167   1.00 8.59  ? 21   CL  B CL   1 
HETATM 406 CL CL   . CL  I 4 . ? 3.018   1.899   -6.344  1.00 10.91 ? 22   CL  B CL   1 
HETATM 407 O  O    . HOH J 5 . ? -5.076  11.591  5.320   1.00 6.93  ? 2001 HOH A O    1 
HETATM 408 O  O    . HOH J 5 . ? -8.722  9.763   6.519   1.00 15.18 ? 2002 HOH A O    1 
HETATM 409 O  O    . HOH J 5 . ? -10.253 7.373   4.745   0.50 16.23 ? 2003 HOH A O    1 
HETATM 410 O  O    A HOH J 5 . ? -9.888  8.231   8.297   0.60 14.38 ? 2004 HOH A O    1 
HETATM 411 O  O    . HOH J 5 . ? -10.578 9.557   1.077   1.00 17.62 ? 2005 HOH A O    1 
HETATM 412 O  O    B HOH J 5 . ? -10.681 3.450   -0.559  0.40 14.41 ? 2006 HOH A O    1 
HETATM 413 O  O    . HOH J 5 . ? -11.920 9.653   9.561   1.00 19.31 ? 2007 HOH A O    1 
HETATM 414 O  O    A HOH J 5 . ? -12.938 8.693   7.571   0.75 36.40 ? 2008 HOH A O    1 
HETATM 415 O  O    A HOH J 5 . ? -9.394  1.884   -2.792  0.50 11.19 ? 2009 HOH A O    1 
HETATM 416 O  O    . HOH J 5 . ? -6.903  11.311  0.143   1.00 11.27 ? 2010 HOH A O    1 
HETATM 417 O  O    . HOH J 5 . ? -9.908  11.312  -0.925  1.00 15.32 ? 2011 HOH A O    1 
HETATM 418 O  O    . HOH J 5 . ? -13.241 1.572   1.869   1.00 28.63 ? 2012 HOH A O    1 
HETATM 419 O  O    . HOH J 5 . ? -10.619 -8.632  -0.048  1.00 27.55 ? 2013 HOH A O    1 
HETATM 420 O  O    . HOH J 5 . ? 5.849   -2.214  -5.672  1.00 22.19 ? 2014 HOH A O    1 
HETATM 421 O  O    . HOH J 5 . ? -0.735  2.847   5.222   0.50 5.50  ? 2015 HOH A O    1 
HETATM 422 O  O    . HOH J 5 . ? 5.401   -0.507  6.635   1.00 20.10 ? 2016 HOH A O    1 
HETATM 423 O  O    . HOH J 5 . ? 3.120   -2.094  0.834   1.00 9.48  ? 2017 HOH A O    1 
HETATM 424 O  O    . HOH J 5 . ? 3.376   -3.503  3.011   1.00 16.72 ? 2018 HOH A O    1 
HETATM 425 O  O    . HOH J 5 . ? -0.928  -6.726  5.290   1.00 11.64 ? 2019 HOH A O    1 
HETATM 426 O  O    . HOH J 5 . ? 1.812   -7.225  3.835   1.00 34.34 ? 2020 HOH A O    1 
HETATM 427 O  O    . HOH J 5 . ? -3.023  -4.738  8.094   1.00 8.13  ? 2021 HOH A O    1 
HETATM 428 O  O    . HOH J 5 . ? 0.055   -7.928  8.819   1.00 29.25 ? 2022 HOH A O    1 
HETATM 429 O  O    . HOH J 5 . ? 1.550   -6.113  10.615  1.00 32.06 ? 2023 HOH A O    1 
HETATM 430 O  O    . HOH J 5 . ? -3.006  -4.404  10.966  1.00 14.56 ? 2024 HOH A O    1 
HETATM 431 O  O    B HOH J 5 . ? -8.337  2.566   -4.558  0.50 18.35 ? 2025 HOH A O    1 
HETATM 432 O  O    . HOH J 5 . ? -9.382  -5.572  -4.291  1.00 16.34 ? 2026 HOH A O    1 
HETATM 433 O  O    . HOH J 5 . ? -11.330 -1.985  -5.763  1.00 39.60 ? 2027 HOH A O    1 
HETATM 434 O  O    B HOH J 5 . ? -10.608 -5.839  -6.493  0.35 11.09 ? 2028 HOH A O    1 
HETATM 435 O  O    . HOH J 5 . ? -11.628 0.343   -3.066  1.00 28.28 ? 2029 HOH A O    1 
HETATM 436 O  O    . HOH J 5 . ? -12.511 -5.777  0.676   1.00 21.72 ? 2030 HOH A O    1 
HETATM 437 O  O    B HOH J 5 . ? -12.973 -1.822  -1.228  0.25 12.05 ? 2031 HOH A O    1 
HETATM 438 O  O    . HOH J 5 . ? -12.185 -1.183  2.744   0.75 20.91 ? 2032 HOH A O    1 
HETATM 439 O  O    . HOH J 5 . ? 5.274   -3.553  -3.381  1.00 16.16 ? 2033 HOH A O    1 
HETATM 440 O  O    . HOH J 5 . ? 1.767   -8.048  -7.545  1.00 15.08 ? 2034 HOH A O    1 
HETATM 441 O  O    . HOH K 5 . ? 0.018   -7.524  1.588   1.00 9.00  ? 2001 HOH B O    1 
HETATM 442 O  O    . HOH K 5 . ? 4.178   -7.489  2.933   0.60 17.55 ? 2002 HOH B O    1 
HETATM 443 O  O    . HOH K 5 . ? 7.312   -4.509  -1.909  0.40 11.71 ? 2003 HOH B O    1 
HETATM 444 O  O    B HOH K 5 . ? 4.450   -5.145  -9.872  0.25 16.11 ? 2004 HOH B O    1 
HETATM 445 O  O    . HOH K 5 . ? 4.930   -2.012  -1.074  1.00 19.13 ? 2005 HOH B O    1 
HETATM 446 O  O    . HOH K 5 . ? 3.220   -1.056  -5.703  1.00 16.52 ? 2006 HOH B O    1 
HETATM 447 O  O    . HOH K 5 . ? 6.117   3.876   2.233   1.00 7.58  ? 2007 HOH B O    1 
HETATM 448 O  O    . HOH K 5 . ? 6.643   6.195   -1.338  1.00 28.59 ? 2008 HOH B O    1 
HETATM 449 O  O    . HOH K 5 . ? -2.676  4.672   -6.731  1.00 14.47 ? 2009 HOH B O    1 
HETATM 450 O  O    . HOH K 5 . ? 9.411   0.056   -3.224  1.00 19.01 ? 2010 HOH B O    1 
HETATM 451 O  O    A HOH K 5 . ? 10.683  3.016   -6.201  0.75 23.81 ? 2011 HOH B O    1 
HETATM 452 O  O    . HOH K 5 . ? 1.524   -6.184  -9.503  1.00 29.98 ? 2012 HOH B O    1 
HETATM 453 O  O    . HOH K 5 . ? 2.491   -2.118  -8.268  1.00 23.36 ? 2013 HOH B O    1 
HETATM 454 O  O    . HOH K 5 . ? -2.904  1.036   -9.461  1.00 38.29 ? 2014 HOH B O    1 
HETATM 455 O  O    . HOH K 5 . ? -2.169  -7.898  -10.462 1.00 26.81 ? 2015 HOH B O    1 
HETATM 456 O  O    A HOH K 5 . ? -9.496  -5.442  -7.480  0.65 19.38 ? 2016 HOH B O    1 
HETATM 457 O  O    A HOH K 5 . ? -8.005  -3.654  -8.600  0.65 18.57 ? 2017 HOH B O    1 
HETATM 458 O  O    B HOH K 5 . ? -9.018  -4.253  -7.940  0.35 10.01 ? 2018 HOH B O    1 
HETATM 459 O  O    A HOH K 5 . ? -3.841  -1.546  -7.998  0.32 6.41  ? 2019 HOH B O    1 
HETATM 460 O  O    B HOH K 5 . ? -3.900  -1.226  -8.896  0.32 13.09 ? 2020 HOH B O    1 
HETATM 461 O  O    . HOH K 5 . ? -11.010 -6.761  -2.267  1.00 30.89 ? 2021 HOH B O    1 
# 
loop_
_pdbx_poly_seq_scheme.asym_id 
_pdbx_poly_seq_scheme.entity_id 
_pdbx_poly_seq_scheme.seq_id 
_pdbx_poly_seq_scheme.mon_id 
_pdbx_poly_seq_scheme.ndb_seq_num 
_pdbx_poly_seq_scheme.pdb_seq_num 
_pdbx_poly_seq_scheme.auth_seq_num 
_pdbx_poly_seq_scheme.pdb_mon_id 
_pdbx_poly_seq_scheme.auth_mon_id 
_pdbx_poly_seq_scheme.pdb_strand_id 
_pdbx_poly_seq_scheme.pdb_ins_code 
_pdbx_poly_seq_scheme.hetero 
A 1 1 MLU 1 1 1 MLU MLU A . n 
A 1 2 OMZ 2 2 2 OMZ OMZ A . n 
A 1 3 ASN 3 3 3 ASN ASN A . n 
A 1 4 GHP 4 4 4 GHP GHP A . n 
A 1 5 GHP 5 5 5 GHP GHP A . n 
A 1 6 OMY 6 6 6 OMY OMY A . n 
A 1 7 3FG 7 7 7 3FG 3FG A . n 
B 1 1 MLU 1 1 1 MLU MLU B . n 
B 1 2 OMZ 2 2 2 OMZ OMZ B . n 
B 1 3 ASN 3 3 3 ASN ASN B . n 
B 1 4 GHP 4 4 4 GHP GHP B . n 
B 1 5 GHP 5 5 5 GHP GHP B . n 
B 1 6 OMY 6 6 6 OMY OMY B . n 
B 1 7 3FG 7 7 7 3FG 3FG B . n 
# 
loop_
_pdbx_nonpoly_scheme.asym_id 
_pdbx_nonpoly_scheme.entity_id 
_pdbx_nonpoly_scheme.mon_id 
_pdbx_nonpoly_scheme.ndb_seq_num 
_pdbx_nonpoly_scheme.pdb_seq_num 
_pdbx_nonpoly_scheme.auth_seq_num 
_pdbx_nonpoly_scheme.pdb_mon_id 
_pdbx_nonpoly_scheme.auth_mon_id 
_pdbx_nonpoly_scheme.pdb_strand_id 
_pdbx_nonpoly_scheme.pdb_ins_code 
E 3 ACY 1  11   11   ACY ACY A . 
F 4 CL  1  21   21   CL  CL  A . 
G 4 CL  1  22   22   CL  CL  A . 
H 4 CL  1  21   21   CL  CL  B . 
I 4 CL  1  22   22   CL  CL  B . 
J 5 HOH 1  2001 2001 HOH HOH A . 
J 5 HOH 2  2002 2002 HOH HOH A . 
J 5 HOH 3  2003 2003 HOH HOH A . 
J 5 HOH 4  2004 2004 HOH HOH A . 
J 5 HOH 5  2005 2005 HOH HOH A . 
J 5 HOH 6  2006 2006 HOH HOH A . 
J 5 HOH 7  2007 2007 HOH HOH A . 
J 5 HOH 8  2008 2008 HOH HOH A . 
J 5 HOH 9  2009 2009 HOH HOH A . 
J 5 HOH 10 2010 2010 HOH HOH A . 
J 5 HOH 11 2011 2011 HOH HOH A . 
J 5 HOH 12 2012 2012 HOH HOH A . 
J 5 HOH 13 2013 2013 HOH HOH A . 
J 5 HOH 14 2014 2014 HOH HOH A . 
J 5 HOH 15 2015 2015 HOH HOH A . 
J 5 HOH 16 2016 2016 HOH HOH A . 
J 5 HOH 17 2017 2017 HOH HOH A . 
J 5 HOH 18 2018 2018 HOH HOH A . 
J 5 HOH 19 2019 2019 HOH HOH A . 
J 5 HOH 20 2020 2020 HOH HOH A . 
J 5 HOH 21 2021 2021 HOH HOH A . 
J 5 HOH 22 2022 2022 HOH HOH A . 
J 5 HOH 23 2023 2023 HOH HOH A . 
J 5 HOH 24 2024 2024 HOH HOH A . 
J 5 HOH 25 2025 2025 HOH HOH A . 
J 5 HOH 26 2026 2026 HOH HOH A . 
J 5 HOH 27 2027 2027 HOH HOH A . 
J 5 HOH 28 2028 2028 HOH HOH A . 
J 5 HOH 29 2029 2029 HOH HOH A . 
J 5 HOH 30 2030 2030 HOH HOH A . 
J 5 HOH 31 2031 2031 HOH HOH A . 
J 5 HOH 32 2032 2032 HOH HOH A . 
J 5 HOH 33 2033 2033 HOH HOH A . 
J 5 HOH 34 2034 2034 HOH HOH A . 
K 5 HOH 1  2001 2001 HOH HOH B . 
K 5 HOH 2  2002 2002 HOH HOH B . 
K 5 HOH 3  2003 2003 HOH HOH B . 
K 5 HOH 4  2004 2004 HOH HOH B . 
K 5 HOH 5  2005 2005 HOH HOH B . 
K 5 HOH 6  2006 2006 HOH HOH B . 
K 5 HOH 7  2007 2007 HOH HOH B . 
K 5 HOH 8  2008 2008 HOH HOH B . 
K 5 HOH 9  2009 2009 HOH HOH B . 
K 5 HOH 10 2010 2010 HOH HOH B . 
K 5 HOH 11 2011 2011 HOH HOH B . 
K 5 HOH 12 2012 2012 HOH HOH B . 
K 5 HOH 13 2013 2013 HOH HOH B . 
K 5 HOH 14 2014 2014 HOH HOH B . 
K 5 HOH 15 2015 2015 HOH HOH B . 
K 5 HOH 16 2016 2016 HOH HOH B . 
K 5 HOH 17 2017 2017 HOH HOH B . 
K 5 HOH 18 2018 2018 HOH HOH B . 
K 5 HOH 19 2019 2019 HOH HOH B . 
K 5 HOH 20 2020 2020 HOH HOH B . 
K 5 HOH 21 2021 2021 HOH HOH B . 
# 
_pdbx_molecule_features.prd_id    PRD_000204 
_pdbx_molecule_features.name      VANCOMYCIN 
_pdbx_molecule_features.type      Glycopeptide 
_pdbx_molecule_features.class     Antibiotic 
_pdbx_molecule_features.details   
;VANCOMYCIN IS A TRICYCLIC GLYCOPEPTIDE,
 GLYCOSYLATED BY A DISACCHARIDE (RESIDUES 8
 AND 9) ON RESIDUE 4.
;
# 
loop_
_pdbx_molecule.instance_id 
_pdbx_molecule.prd_id 
_pdbx_molecule.asym_id 
1 PRD_000204 A 
1 PRD_000204 C 
2 PRD_000204 B 
2 PRD_000204 D 
# 
_pdbx_struct_assembly.id                   1 
_pdbx_struct_assembly.details              software_defined_assembly 
_pdbx_struct_assembly.method_details       PISA 
_pdbx_struct_assembly.oligomeric_details   dimeric 
_pdbx_struct_assembly.oligomeric_count     2 
# 
loop_
_pdbx_struct_assembly_gen.assembly_id 
_pdbx_struct_assembly_gen.oper_expression 
_pdbx_struct_assembly_gen.asym_id_list 
1 1 A,C,E,F,G,J 
1 2 B,D,H,I,K   
# 
loop_
_pdbx_struct_assembly_prop.biol_id 
_pdbx_struct_assembly_prop.type 
_pdbx_struct_assembly_prop.value 
_pdbx_struct_assembly_prop.details 
1 'ABSA (A^2)' 1370  ? 
1 MORE         -32.8 ? 
1 'SSA (A^2)'  2890  ? 
# 
loop_
_pdbx_struct_oper_list.id 
_pdbx_struct_oper_list.type 
_pdbx_struct_oper_list.name 
_pdbx_struct_oper_list.symmetry_operation 
_pdbx_struct_oper_list.matrix[1][1] 
_pdbx_struct_oper_list.matrix[1][2] 
_pdbx_struct_oper_list.matrix[1][3] 
_pdbx_struct_oper_list.vector[1] 
_pdbx_struct_oper_list.matrix[2][1] 
_pdbx_struct_oper_list.matrix[2][2] 
_pdbx_struct_oper_list.matrix[2][3] 
_pdbx_struct_oper_list.vector[2] 
_pdbx_struct_oper_list.matrix[3][1] 
_pdbx_struct_oper_list.matrix[3][2] 
_pdbx_struct_oper_list.matrix[3][3] 
_pdbx_struct_oper_list.vector[3] 
1 'identity operation'         1_555 x,y,z              1.0000000000 0.0000000000 0.0000000000  0.0000000000  0.0000000000 1.0000000000 0.0000000000 0.0000000000  0.0000000000 0.0000000000  1.0000000000 0.0000000000  
2 'crystal symmetry operation' 3_554 -y+1/2,x+1/2,z-1/4 0.1382839309 0.0683673737 -0.9880300889 -3.5632684697 0.5938020139 0.7926956788 0.1379591572 19.0115627901 0.7926390873 -0.6057717912 0.0690203903 -3.2674076945 
# 
_pdbx_struct_special_symmetry.id              1 
_pdbx_struct_special_symmetry.PDB_model_num   1 
_pdbx_struct_special_symmetry.auth_asym_id    A 
_pdbx_struct_special_symmetry.auth_comp_id    HOH 
_pdbx_struct_special_symmetry.auth_seq_id     2015 
_pdbx_struct_special_symmetry.PDB_ins_code    ? 
_pdbx_struct_special_symmetry.label_asym_id   J 
_pdbx_struct_special_symmetry.label_comp_id   HOH 
_pdbx_struct_special_symmetry.label_seq_id    . 
# 
loop_
_pdbx_audit_revision_history.ordinal 
_pdbx_audit_revision_history.data_content_type 
_pdbx_audit_revision_history.major_revision 
_pdbx_audit_revision_history.minor_revision 
_pdbx_audit_revision_history.revision_date 
1 'Structure model' 1 0 1997-08-20 
2 'Structure model' 1 1 2011-06-14 
3 'Structure model' 1 2 2011-07-13 
4 'Structure model' 1 3 2011-07-27 
5 'Structure model' 1 4 2012-12-12 
6 'Structure model' 1 5 2016-10-19 
7 'Structure model' 2 0 2020-07-29 
8 'Structure model' 3 0 2023-11-15 
# 
loop_
_pdbx_audit_revision_details.ordinal 
_pdbx_audit_revision_details.revision_ordinal 
_pdbx_audit_revision_details.data_content_type 
_pdbx_audit_revision_details.provider 
_pdbx_audit_revision_details.type 
_pdbx_audit_revision_details.description 
_pdbx_audit_revision_details.details 
1 1 'Structure model' repository 'Initial release' ?                          ? 
2 7 'Structure model' repository Remediation       'Carbohydrate remediation' ? 
# 
loop_
_pdbx_audit_revision_group.ordinal 
_pdbx_audit_revision_group.revision_ordinal 
_pdbx_audit_revision_group.data_content_type 
_pdbx_audit_revision_group.group 
1  2 'Structure model' 'Version format compliance' 
2  3 'Structure model' 'Version format compliance' 
3  4 'Structure model' 'Atomic model'              
4  4 'Structure model' 'Database references'       
5  4 'Structure model' 'Derived calculations'      
6  4 'Structure model' 'Non-polymer description'   
7  4 'Structure model' 'Structure summary'         
8  5 'Structure model' Other                       
9  6 'Structure model' Other                       
10 7 'Structure model' Advisory                    
11 7 'Structure model' 'Atomic model'              
12 7 'Structure model' 'Data collection'           
13 7 'Structure model' 'Derived calculations'      
14 7 'Structure model' Other                       
15 7 'Structure model' 'Polymer sequence'          
16 7 'Structure model' 'Structure summary'         
17 8 'Structure model' 'Atomic model'              
18 8 'Structure model' 'Data collection'           
19 8 'Structure model' 'Database references'       
20 8 'Structure model' 'Derived calculations'      
21 8 'Structure model' 'Structure summary'         
# 
loop_
_pdbx_audit_revision_category.ordinal 
_pdbx_audit_revision_category.revision_ordinal 
_pdbx_audit_revision_category.data_content_type 
_pdbx_audit_revision_category.category 
1  7 'Structure model' atom_site                     
2  7 'Structure model' chem_comp                     
3  7 'Structure model' entity                        
4  7 'Structure model' entity_poly                   
5  7 'Structure model' pdbx_branch_scheme            
6  7 'Structure model' pdbx_chem_comp_identifier     
7  7 'Structure model' pdbx_database_status          
8  7 'Structure model' pdbx_entity_branch            
9  7 'Structure model' pdbx_entity_branch_descriptor 
10 7 'Structure model' pdbx_entity_branch_link       
11 7 'Structure model' pdbx_entity_branch_list       
12 7 'Structure model' pdbx_entity_nonpoly           
13 7 'Structure model' pdbx_molecule                 
14 7 'Structure model' pdbx_nonpoly_scheme           
15 7 'Structure model' pdbx_struct_assembly          
16 7 'Structure model' pdbx_struct_assembly_gen      
17 7 'Structure model' pdbx_struct_special_symmetry  
18 7 'Structure model' pdbx_validate_close_contact   
19 7 'Structure model' struct_asym                   
20 7 'Structure model' struct_conn                   
21 7 'Structure model' struct_site                   
22 7 'Structure model' struct_site_gen               
23 8 'Structure model' atom_site                     
24 8 'Structure model' chem_comp                     
25 8 'Structure model' chem_comp_atom                
26 8 'Structure model' chem_comp_bond                
27 8 'Structure model' database_2                    
28 8 'Structure model' struct_conn                   
# 
loop_
_pdbx_audit_revision_item.ordinal 
_pdbx_audit_revision_item.revision_ordinal 
_pdbx_audit_revision_item.data_content_type 
_pdbx_audit_revision_item.item 
1  7 'Structure model' '_atom_site.B_iso_or_equiv'                   
2  7 'Structure model' '_atom_site.Cartn_x'                          
3  7 'Structure model' '_atom_site.Cartn_y'                          
4  7 'Structure model' '_atom_site.Cartn_z'                          
5  7 'Structure model' '_atom_site.auth_asym_id'                     
6  7 'Structure model' '_atom_site.auth_atom_id'                     
7  7 'Structure model' '_atom_site.auth_comp_id'                     
8  7 'Structure model' '_atom_site.auth_seq_id'                      
9  7 'Structure model' '_atom_site.label_alt_id'                     
10 7 'Structure model' '_atom_site.label_asym_id'                    
11 7 'Structure model' '_atom_site.label_atom_id'                    
12 7 'Structure model' '_atom_site.label_comp_id'                    
13 7 'Structure model' '_atom_site.label_entity_id'                  
14 7 'Structure model' '_atom_site.occupancy'                        
15 7 'Structure model' '_atom_site.type_symbol'                      
16 7 'Structure model' '_chem_comp.name'                             
17 7 'Structure model' '_chem_comp.type'                             
18 7 'Structure model' '_entity_poly.pdbx_seq_one_letter_code_can'   
19 7 'Structure model' '_pdbx_database_status.process_site'          
20 7 'Structure model' '_pdbx_struct_assembly.method_details'        
21 7 'Structure model' '_pdbx_struct_assembly_gen.asym_id_list'      
22 7 'Structure model' '_pdbx_struct_special_symmetry.label_asym_id' 
23 7 'Structure model' '_pdbx_validate_close_contact.auth_asym_id_1' 
24 7 'Structure model' '_pdbx_validate_close_contact.auth_asym_id_2' 
25 7 'Structure model' '_pdbx_validate_close_contact.auth_seq_id_1'  
26 7 'Structure model' '_pdbx_validate_close_contact.auth_seq_id_2'  
27 7 'Structure model' '_struct_conn.pdbx_dist_value'                
28 7 'Structure model' '_struct_conn.pdbx_leaving_atom_flag'         
29 7 'Structure model' '_struct_conn.pdbx_ptnr1_label_alt_id'        
30 7 'Structure model' '_struct_conn.pdbx_ptnr2_label_alt_id'        
31 7 'Structure model' '_struct_conn.ptnr1_auth_asym_id'             
32 7 'Structure model' '_struct_conn.ptnr1_auth_comp_id'             
33 7 'Structure model' '_struct_conn.ptnr1_auth_seq_id'              
34 7 'Structure model' '_struct_conn.ptnr1_label_asym_id'            
35 7 'Structure model' '_struct_conn.ptnr1_label_atom_id'            
36 7 'Structure model' '_struct_conn.ptnr1_label_comp_id'            
37 7 'Structure model' '_struct_conn.ptnr1_label_seq_id'             
38 7 'Structure model' '_struct_conn.ptnr2_auth_asym_id'             
39 7 'Structure model' '_struct_conn.ptnr2_auth_comp_id'             
40 7 'Structure model' '_struct_conn.ptnr2_auth_seq_id'              
41 7 'Structure model' '_struct_conn.ptnr2_label_asym_id'            
42 7 'Structure model' '_struct_conn.ptnr2_label_atom_id'            
43 7 'Structure model' '_struct_conn.ptnr2_label_comp_id'            
44 7 'Structure model' '_struct_conn.ptnr2_label_seq_id'             
45 8 'Structure model' '_atom_site.auth_atom_id'                     
46 8 'Structure model' '_atom_site.label_atom_id'                    
47 8 'Structure model' '_chem_comp.pdbx_synonyms'                    
48 8 'Structure model' '_database_2.pdbx_DOI'                        
49 8 'Structure model' '_database_2.pdbx_database_accession'         
50 8 'Structure model' '_struct_conn.pdbx_leaving_atom_flag'         
# 
loop_
_software.name 
_software.classification 
_software.version 
_software.citation_id 
_software.pdbx_ordinal 
SHELXL-93 'model building' . ? 1 
SHELXL-93 refinement       . ? 2 
MADNES    'data reduction' . ? 3 
PROCOR    'data reduction' . ? 4 
XSCALE    'data scaling'   . ? 5 
SHELXL-93 phasing          . ? 6 
# 
_pdbx_entry_details.entry_id                 1AA5 
_pdbx_entry_details.compound_details         
;VANCOMYCIN IS A TRICYCLIC GLYCOPEPTIDE. THE SCAFFOLD IS
 A HEPTAPEPTIDE WITH THE CONFIGURATION D-D-L-D-D-L-L. IT IS
 FURTHER GLYCOSYLATED BY A DISACCHARIDE MADE OF D-GLUCOSE
 AND VANCOSAMINE.
 HERE, VANCOMYCIN IS REPRESENTED BY GROUPING TOGETHER THE
 SEQUENCE (SEQRES) AND THE TWO LIGANDS (HET) BGC AND RER.
;
_pdbx_entry_details.source_details           ? 
_pdbx_entry_details.nonpolymer_details       ? 
_pdbx_entry_details.sequence_details         ? 
_pdbx_entry_details.has_ligand_of_interest   ? 
# 
loop_
_pdbx_validate_close_contact.id 
_pdbx_validate_close_contact.PDB_model_num 
_pdbx_validate_close_contact.auth_atom_id_1 
_pdbx_validate_close_contact.auth_asym_id_1 
_pdbx_validate_close_contact.auth_comp_id_1 
_pdbx_validate_close_contact.auth_seq_id_1 
_pdbx_validate_close_contact.PDB_ins_code_1 
_pdbx_validate_close_contact.label_alt_id_1 
_pdbx_validate_close_contact.auth_atom_id_2 
_pdbx_validate_close_contact.auth_asym_id_2 
_pdbx_validate_close_contact.auth_comp_id_2 
_pdbx_validate_close_contact.auth_seq_id_2 
_pdbx_validate_close_contact.PDB_ins_code_2 
_pdbx_validate_close_contact.label_alt_id_2 
_pdbx_validate_close_contact.dist 
1 1 O2 D BGC 1 ? B O5 D RER 2 ? ? 2.01 
2 1 C2 D BGC 1 ? B C1 D RER 2 ? ? 2.18 
# 
_pdbx_validate_torsion.id              1 
_pdbx_validate_torsion.PDB_model_num   1 
_pdbx_validate_torsion.auth_comp_id    ASN 
_pdbx_validate_torsion.auth_asym_id    A 
_pdbx_validate_torsion.auth_seq_id     3 
_pdbx_validate_torsion.PDB_ins_code    ? 
_pdbx_validate_torsion.label_alt_id    ? 
_pdbx_validate_torsion.phi             -100.65 
_pdbx_validate_torsion.psi             -69.08 
# 
loop_
_chem_comp_atom.comp_id 
_chem_comp_atom.atom_id 
_chem_comp_atom.type_symbol 
_chem_comp_atom.pdbx_aromatic_flag 
_chem_comp_atom.pdbx_stereo_config 
_chem_comp_atom.pdbx_ordinal 
3FG N    N  N N 1   
3FG OD1  O  N N 2   
3FG CD1  C  Y N 3   
3FG CG1  C  Y N 4   
3FG CZ   C  Y N 5   
3FG CD2  C  Y N 6   
3FG OD2  O  N N 7   
3FG CG2  C  Y N 8   
3FG CB   C  Y N 9   
3FG CA   C  N S 10  
3FG C    C  N N 11  
3FG O    O  N N 12  
3FG OXT  O  N N 13  
3FG H    H  N N 14  
3FG H2   H  N N 15  
3FG HA   H  N N 16  
3FG HD1  H  N N 17  
3FG HG1  H  N N 18  
3FG HZ   H  N N 19  
3FG HD2  H  N N 20  
3FG HG2  H  N N 21  
3FG HXT  H  N N 22  
ACY C    C  N N 23  
ACY O    O  N N 24  
ACY OXT  O  N N 25  
ACY CH3  C  N N 26  
ACY HXT  H  N N 27  
ACY H1   H  N N 28  
ACY H2   H  N N 29  
ACY H3   H  N N 30  
ASN N    N  N N 31  
ASN CA   C  N S 32  
ASN C    C  N N 33  
ASN O    O  N N 34  
ASN CB   C  N N 35  
ASN CG   C  N N 36  
ASN OD1  O  N N 37  
ASN ND2  N  N N 38  
ASN OXT  O  N N 39  
ASN H    H  N N 40  
ASN H2   H  N N 41  
ASN HA   H  N N 42  
ASN HB2  H  N N 43  
ASN HB3  H  N N 44  
ASN HD21 H  N N 45  
ASN HD22 H  N N 46  
ASN HXT  H  N N 47  
BGC C2   C  N R 48  
BGC C3   C  N S 49  
BGC C4   C  N S 50  
BGC C5   C  N R 51  
BGC C6   C  N N 52  
BGC C1   C  N R 53  
BGC O1   O  N N 54  
BGC O2   O  N N 55  
BGC O3   O  N N 56  
BGC O4   O  N N 57  
BGC O5   O  N N 58  
BGC O6   O  N N 59  
BGC H2   H  N N 60  
BGC H3   H  N N 61  
BGC H4   H  N N 62  
BGC H5   H  N N 63  
BGC H61  H  N N 64  
BGC H62  H  N N 65  
BGC H1   H  N N 66  
BGC HO1  H  N N 67  
BGC HO2  H  N N 68  
BGC HO3  H  N N 69  
BGC HO4  H  N N 70  
BGC HO6  H  N N 71  
CL  CL   CL N N 72  
GHP N    N  N N 73  
GHP CA   C  N R 74  
GHP C    C  N N 75  
GHP O    O  N N 76  
GHP OXT  O  N N 77  
GHP C1   C  Y N 78  
GHP C2   C  Y N 79  
GHP C3   C  Y N 80  
GHP C4   C  Y N 81  
GHP O4   O  N N 82  
GHP C5   C  Y N 83  
GHP C6   C  Y N 84  
GHP H    H  N N 85  
GHP H2   H  N N 86  
GHP HA   H  N N 87  
GHP HXT  H  N N 88  
GHP HC2  H  N N 89  
GHP H3   H  N N 90  
GHP HO4  H  N N 91  
GHP H5   H  N N 92  
GHP H6   H  N N 93  
HOH O    O  N N 94  
HOH H1   H  N N 95  
HOH H2   H  N N 96  
MLU N    N  N N 97  
MLU CN   C  N N 98  
MLU CA   C  N R 99  
MLU C    C  N N 100 
MLU O    O  N N 101 
MLU CB   C  N N 102 
MLU CG   C  N N 103 
MLU CD1  C  N N 104 
MLU CD2  C  N N 105 
MLU OXT  O  N N 106 
MLU H    H  N N 107 
MLU HCN1 H  N N 108 
MLU HCN2 H  N N 109 
MLU HCN3 H  N N 110 
MLU HA   H  N N 111 
MLU HB2  H  N N 112 
MLU HB3  H  N N 113 
MLU HXT  H  N N 114 
MLU HG   H  N N 115 
MLU HD11 H  N N 116 
MLU HD12 H  N N 117 
MLU HD13 H  N N 118 
MLU HD21 H  N N 119 
MLU HD22 H  N N 120 
MLU HD23 H  N N 121 
OMY N    N  N N 122 
OMY CA   C  N S 123 
OMY OCZ  O  N N 124 
OMY CE2  C  Y N 125 
OMY CE1  C  Y N 126 
OMY CZ   C  Y N 127 
OMY CG   C  Y N 128 
OMY CD2  C  Y N 129 
OMY CD1  C  Y N 130 
OMY CB   C  N R 131 
OMY CL   CL N N 132 
OMY O    O  N N 133 
OMY C    C  N N 134 
OMY ODE  O  N N 135 
OMY OXT  O  N N 136 
OMY H    H  N N 137 
OMY H2   H  N N 138 
OMY HA   H  N N 139 
OMY HCZ  H  N N 140 
OMY HE2  H  N N 141 
OMY HD2  H  N N 142 
OMY HD1  H  N N 143 
OMY HB   H  N N 144 
OMY HXT  H  N N 145 
OMY HDE  H  N N 146 
OMZ N    N  N N 147 
OMZ CA   C  N R 148 
OMZ C    C  N N 149 
OMZ O    O  N N 150 
OMZ OXT  O  N N 151 
OMZ CB   C  N R 152 
OMZ OC   O  N N 153 
OMZ CG   C  Y N 154 
OMZ CD1  C  Y N 155 
OMZ CD2  C  Y N 156 
OMZ CE1  C  Y N 157 
OMZ CL   CL N N 158 
OMZ CE2  C  Y N 159 
OMZ CZ   C  Y N 160 
OMZ OH   O  N N 161 
OMZ H    H  N N 162 
OMZ H2   H  N N 163 
OMZ HA   H  N N 164 
OMZ HB   H  N N 165 
OMZ HXT  H  N N 166 
OMZ HC   H  N N 167 
OMZ HD1  H  N N 168 
OMZ HD2  H  N N 169 
OMZ HE2  H  N N 170 
OMZ HH   H  N N 171 
RER C1   C  N R 172 
RER C2   C  N N 173 
RER C3   C  N S 174 
RER N3   N  N N 175 
RER C3A  C  N N 176 
RER C4   C  N S 177 
RER O4   O  N N 178 
RER C5   C  N S 179 
RER O5   O  N N 180 
RER C5A  C  N N 181 
RER O1   O  N N 182 
RER H1   H  N N 183 
RER H21C H  N N 184 
RER H22C H  N N 185 
RER HO1  H  N N 186 
RER H31N H  N N 187 
RER H32N H  N N 188 
RER H3A1 H  N N 189 
RER H3A2 H  N N 190 
RER H3A3 H  N N 191 
RER H4   H  N N 192 
RER HO4  H  N N 193 
RER H5   H  N N 194 
RER H5A1 H  N N 195 
RER H5A2 H  N N 196 
RER H5A3 H  N N 197 
# 
loop_
_chem_comp_bond.comp_id 
_chem_comp_bond.atom_id_1 
_chem_comp_bond.atom_id_2 
_chem_comp_bond.value_order 
_chem_comp_bond.pdbx_aromatic_flag 
_chem_comp_bond.pdbx_stereo_config 
_chem_comp_bond.pdbx_ordinal 
3FG N   CA   sing N N 1   
3FG OD1 CD1  sing N N 2   
3FG CD1 CG1  sing Y N 3   
3FG CD1 CZ   doub Y N 4   
3FG CG1 CB   doub Y N 5   
3FG CZ  CD2  sing Y N 6   
3FG CD2 OD2  sing N N 7   
3FG CD2 CG2  doub Y N 8   
3FG CG2 CB   sing Y N 9   
3FG CB  CA   sing N N 10  
3FG CA  C    sing N N 11  
3FG C   O    doub N N 12  
3FG C   OXT  sing N N 13  
3FG N   H    sing N N 14  
3FG N   H2   sing N N 15  
3FG CA  HA   sing N N 16  
3FG OD1 HD1  sing N N 17  
3FG CG1 HG1  sing N N 18  
3FG CZ  HZ   sing N N 19  
3FG OD2 HD2  sing N N 20  
3FG CG2 HG2  sing N N 21  
3FG OXT HXT  sing N N 22  
ACY C   O    doub N N 23  
ACY C   OXT  sing N N 24  
ACY C   CH3  sing N N 25  
ACY OXT HXT  sing N N 26  
ACY CH3 H1   sing N N 27  
ACY CH3 H2   sing N N 28  
ACY CH3 H3   sing N N 29  
ASN N   CA   sing N N 30  
ASN N   H    sing N N 31  
ASN N   H2   sing N N 32  
ASN CA  C    sing N N 33  
ASN CA  CB   sing N N 34  
ASN CA  HA   sing N N 35  
ASN C   O    doub N N 36  
ASN C   OXT  sing N N 37  
ASN CB  CG   sing N N 38  
ASN CB  HB2  sing N N 39  
ASN CB  HB3  sing N N 40  
ASN CG  OD1  doub N N 41  
ASN CG  ND2  sing N N 42  
ASN ND2 HD21 sing N N 43  
ASN ND2 HD22 sing N N 44  
ASN OXT HXT  sing N N 45  
BGC C2  C3   sing N N 46  
BGC C2  C1   sing N N 47  
BGC C2  O2   sing N N 48  
BGC C2  H2   sing N N 49  
BGC C3  C4   sing N N 50  
BGC C3  O3   sing N N 51  
BGC C3  H3   sing N N 52  
BGC C4  C5   sing N N 53  
BGC C4  O4   sing N N 54  
BGC C4  H4   sing N N 55  
BGC C5  C6   sing N N 56  
BGC C5  O5   sing N N 57  
BGC C5  H5   sing N N 58  
BGC C6  O6   sing N N 59  
BGC C6  H61  sing N N 60  
BGC C6  H62  sing N N 61  
BGC C1  O1   sing N N 62  
BGC C1  O5   sing N N 63  
BGC C1  H1   sing N N 64  
BGC O1  HO1  sing N N 65  
BGC O2  HO2  sing N N 66  
BGC O3  HO3  sing N N 67  
BGC O4  HO4  sing N N 68  
BGC O6  HO6  sing N N 69  
GHP N   CA   sing N N 70  
GHP N   H    sing N N 71  
GHP N   H2   sing N N 72  
GHP CA  C    sing N N 73  
GHP CA  C1   sing N N 74  
GHP CA  HA   sing N N 75  
GHP C   O    doub N N 76  
GHP C   OXT  sing N N 77  
GHP OXT HXT  sing N N 78  
GHP C1  C2   doub Y N 79  
GHP C1  C6   sing Y N 80  
GHP C2  C3   sing Y N 81  
GHP C2  HC2  sing N N 82  
GHP C3  C4   doub Y N 83  
GHP C3  H3   sing N N 84  
GHP C4  O4   sing N N 85  
GHP C4  C5   sing Y N 86  
GHP O4  HO4  sing N N 87  
GHP C5  C6   doub Y N 88  
GHP C5  H5   sing N N 89  
GHP C6  H6   sing N N 90  
HOH O   H1   sing N N 91  
HOH O   H2   sing N N 92  
MLU N   CN   sing N N 93  
MLU N   CA   sing N N 94  
MLU CA  C    sing N N 95  
MLU CA  CB   sing N N 96  
MLU C   O    doub N N 97  
MLU C   OXT  sing N N 98  
MLU CB  CG   sing N N 99  
MLU CG  CD1  sing N N 100 
MLU CG  CD2  sing N N 101 
MLU N   H    sing N N 102 
MLU CN  HCN1 sing N N 103 
MLU CN  HCN2 sing N N 104 
MLU CN  HCN3 sing N N 105 
MLU CA  HA   sing N N 106 
MLU CB  HB2  sing N N 107 
MLU CB  HB3  sing N N 108 
MLU OXT HXT  sing N N 109 
MLU CG  HG   sing N N 110 
MLU CD1 HD11 sing N N 111 
MLU CD1 HD12 sing N N 112 
MLU CD1 HD13 sing N N 113 
MLU CD2 HD21 sing N N 114 
MLU CD2 HD22 sing N N 115 
MLU CD2 HD23 sing N N 116 
OMY N   CA   sing N N 117 
OMY OCZ CZ   sing N N 118 
OMY CZ  CE2  sing Y N 119 
OMY CZ  CE1  doub Y N 120 
OMY CE2 CD2  doub Y N 121 
OMY CD2 CG   sing Y N 122 
OMY CG  CD1  doub Y N 123 
OMY CG  CB   sing N N 124 
OMY CD1 CE1  sing Y N 125 
OMY CE1 CL   sing N N 126 
OMY C   O    doub N N 127 
OMY C   CA   sing N N 128 
OMY C   OXT  sing N N 129 
OMY CA  CB   sing N N 130 
OMY CB  ODE  sing N N 131 
OMY N   H    sing N N 132 
OMY N   H2   sing N N 133 
OMY CA  HA   sing N N 134 
OMY OCZ HCZ  sing N N 135 
OMY CE2 HE2  sing N N 136 
OMY CD2 HD2  sing N N 137 
OMY CD1 HD1  sing N N 138 
OMY CB  HB   sing N N 139 
OMY OXT HXT  sing N N 140 
OMY ODE HDE  sing N N 141 
OMZ N   CA   sing N N 142 
OMZ CA  C    sing N N 143 
OMZ CA  CB   sing N N 144 
OMZ C   O    doub N N 145 
OMZ C   OXT  sing N N 146 
OMZ CL  CE1  sing N N 147 
OMZ CB  OC   sing N N 148 
OMZ CB  CG   sing N N 149 
OMZ CG  CD1  doub Y N 150 
OMZ CG  CD2  sing Y N 151 
OMZ CD1 CE1  sing Y N 152 
OMZ CD2 CE2  doub Y N 153 
OMZ CE1 CZ   doub Y N 154 
OMZ CE2 CZ   sing Y N 155 
OMZ CZ  OH   sing N N 156 
OMZ N   H    sing N N 157 
OMZ N   H2   sing N N 158 
OMZ CA  HA   sing N N 159 
OMZ CB  HB   sing N N 160 
OMZ OXT HXT  sing N N 161 
OMZ OC  HC   sing N N 162 
OMZ CD1 HD1  sing N N 163 
OMZ CD2 HD2  sing N N 164 
OMZ CE2 HE2  sing N N 165 
OMZ OH  HH   sing N N 166 
RER C1  C2   sing N N 167 
RER C1  O5   sing N N 168 
RER C1  O1   sing N N 169 
RER C2  C3   sing N N 170 
RER C3  N3   sing N N 171 
RER C3  C3A  sing N N 172 
RER C3  C4   sing N N 173 
RER C4  O4   sing N N 174 
RER C4  C5   sing N N 175 
RER C5  O5   sing N N 176 
RER C5  C5A  sing N N 177 
RER C1  H1   sing N N 178 
RER C2  H21C sing N N 179 
RER C2  H22C sing N N 180 
RER O1  HO1  sing N N 181 
RER N3  H31N sing N N 182 
RER N3  H32N sing N N 183 
RER C3A H3A1 sing N N 184 
RER C3A H3A2 sing N N 185 
RER C3A H3A3 sing N N 186 
RER C4  H4   sing N N 187 
RER O4  HO4  sing N N 188 
RER C5  H5   sing N N 189 
RER C5A H5A1 sing N N 190 
RER C5A H5A2 sing N N 191 
RER C5A H5A3 sing N N 192 
# 
loop_
_pdbx_branch_scheme.asym_id 
_pdbx_branch_scheme.entity_id 
_pdbx_branch_scheme.mon_id 
_pdbx_branch_scheme.num 
_pdbx_branch_scheme.pdb_asym_id 
_pdbx_branch_scheme.pdb_mon_id 
_pdbx_branch_scheme.pdb_seq_num 
_pdbx_branch_scheme.auth_asym_id 
_pdbx_branch_scheme.auth_mon_id 
_pdbx_branch_scheme.auth_seq_num 
_pdbx_branch_scheme.hetero 
C 2 BGC 1 C BGC 1 A BGC 8 n 
C 2 RER 2 C RER 2 A RER 9 n 
D 2 BGC 1 D BGC 1 B BGC 8 n 
D 2 RER 2 D RER 2 B RER 9 n 
# 
loop_
_pdbx_chem_comp_identifier.comp_id 
_pdbx_chem_comp_identifier.type 
_pdbx_chem_comp_identifier.program 
_pdbx_chem_comp_identifier.program_version 
_pdbx_chem_comp_identifier.identifier 
BGC 'CONDENSED IUPAC CARBOHYDRATE SYMBOL' GMML     1.0 DGlcpb            
BGC 'COMMON NAME'                         GMML     1.0 b-D-glucopyranose 
BGC 'IUPAC CARBOHYDRATE SYMBOL'           PDB-CARE 1.0 b-D-Glcp          
BGC 'SNFG CARBOHYDRATE SYMBOL'            GMML     1.0 Glc               
# 
_pdbx_entity_branch.entity_id   2 
_pdbx_entity_branch.type        oligosaccharide 
# 
loop_
_pdbx_entity_branch_descriptor.ordinal 
_pdbx_entity_branch_descriptor.entity_id 
_pdbx_entity_branch_descriptor.descriptor 
_pdbx_entity_branch_descriptor.type 
_pdbx_entity_branch_descriptor.program 
_pdbx_entity_branch_descriptor.program_version 
1 2 'WURCS=2.0/2,2,1/[a2122h-1b_1-5][ad621m-1a_1-5_3*C_3*N]/1-2/a2-b1' WURCS  PDB2Glycan 1.1.0 
2 2 '[][D-1-deoxy-Glcp]{[(2+1)][a-L-2-deoxy-Fucp3N]{}}'                LINUCS PDB-CARE   ?     
# 
_pdbx_entity_branch_link.link_id                    1 
_pdbx_entity_branch_link.entity_id                  2 
_pdbx_entity_branch_link.entity_branch_list_num_1   2 
_pdbx_entity_branch_link.comp_id_1                  RER 
_pdbx_entity_branch_link.atom_id_1                  C1 
_pdbx_entity_branch_link.leaving_atom_id_1          O1 
_pdbx_entity_branch_link.entity_branch_list_num_2   1 
_pdbx_entity_branch_link.comp_id_2                  BGC 
_pdbx_entity_branch_link.atom_id_2                  O2 
_pdbx_entity_branch_link.leaving_atom_id_2          HO2 
_pdbx_entity_branch_link.value_order                sing 
_pdbx_entity_branch_link.details                    ? 
# 
loop_
_pdbx_entity_branch_list.entity_id 
_pdbx_entity_branch_list.comp_id 
_pdbx_entity_branch_list.num 
_pdbx_entity_branch_list.hetero 
2 BGC 1 n 
2 RER 2 n 
# 
loop_
_pdbx_entity_nonpoly.entity_id 
_pdbx_entity_nonpoly.name 
_pdbx_entity_nonpoly.comp_id 
3 'ACETIC ACID'  ACY 
4 'CHLORIDE ION' CL  
5 water          HOH 
# 
